data_7G5C
#
_entry.id   7G5C
#
_cell.length_a   84.299
_cell.length_b   92.055
_cell.length_c   120.410
_cell.angle_alpha   90.00
_cell.angle_beta   90.00
_cell.angle_gamma   90.00
#
_symmetry.space_group_name_H-M   'P 21 21 21'
#
loop_
_entity.id
_entity.type
_entity.pdbx_description
1 polymer 'Isoform 2 of Ectonucleotide pyrophosphatase/phosphodiesterase family member 2'
2 branched alpha-D-mannopyranose-(1-2)-alpha-D-mannopyranose-(1-3)-[alpha-D-mannopyranose-(1-6)]alpha-D-mannopyranose-(1-6)-[alpha-D-mannopyranose-(1-2)-alpha-D-mannopyranose-(1-3)]beta-D-mannopyranose-(1-4)-2-acetamido-2-deoxy-beta-D-glucopyranose-(1-4)-2-acetamido-2-deoxy-beta-D-glucopyranose
3 non-polymer 1-[(3aR,6aS)-5-(1H-benzotriazole-5-carbonyl)hexahydropyrrolo[3,4-c]pyrrol-2(1H)-yl]-2-[4-(trifluoromethoxy)phenoxy]ethan-1-one
4 non-polymer 1-[(3aS,6aS)-5-(1H-benzotriazole-5-carbonyl)hexahydropyrrolo[3,4-c]pyrrol-2(1H)-yl]-2-[4-(trifluoromethoxy)phenoxy]ethan-1-one
5 non-polymer 'ZINC ION'
6 non-polymer 'POTASSIUM ION'
7 non-polymer 'CALCIUM ION'
8 non-polymer 'SODIUM ION'
9 non-polymer 'CHLORIDE ION'
10 water water
#
_entity_poly.entity_id   1
_entity_poly.type   'polypeptide(L)'
_entity_poly.pdbx_seq_one_letter_code
;FTASRIKRAEWDEGPPTVLSDSPWTATSGSCKGRCFELQEVGPPDCRCDNLCKSYSSCCHDFDELCLKTARGWECTKDRC
GEVRNEENACHCSEDCLSRGDCCTNYQVVCKGESHWVDDDCEEIKVPECPAGFVRPPLIIFSVDGFRASYMKKGSKVMPN
IEKLRSCGTHAPYMRPVYPTKTFPNLYTLATGLYPESHGIVGNSMYDPVFDASFHLRGREKFNHRWWGGQPLWITATKQG
VRAGTFFWSVSIPHERRILTILQWLSLPDNERPSVYAFYSEQPDFSGHKYGPFGPEMTNPLREIDKTVGQLMDGLKQLRL
HRCVNVIFVGDHGMEDVTCDRTEFLSNYLTNVDDITLVPGTLGRIRAKSINNSKYDPKTIIAALTCKKPDQHFKPYMKQH
LPKRLHYANNRRIEDIHLLVDRRWHVARKPLDVYKKPSGKCFFQGDHGFDNKVNSMQTVFVGYGPTFKYRTKVPPFENIE
LYNVMCDLLGLKPAPNNGTHGSLNHLLRTNTFRPTMPDEVSRPNYPGIMYLQSEFDLGCTCDDKVEPKNKLEELNKRLHT
KGSTKERHLLYGRPAVLYRTSYDILYHTDFESGYSEIFLMPLWTSYTISKQAEVSSIPEHLTNCVRPDVRVSPGFSQNCL
AYKNDKQMSYGFLFPPYLSSSPEAKYDAFLVTNMVPMYPAFKRVWAYFQRVLVKKYASERNGVNVISGPIFDYNYDGLRD
TEDEIKQYVEGSSIPVPTHYYSIITSCLDFTQPADKCDGPLSVSSFILPHRPDNDESCNSSEDESKWVEELMKMHTARVR
DIEHLTGLDFYRKTSRSYSEILTLKTYLHTYESEIGGRHHHHHHHH
;
_entity_poly.pdbx_strand_id   A
#
loop_
_chem_comp.id
_chem_comp.type
_chem_comp.name
_chem_comp.formula
BMA D-saccharide, beta linking beta-D-mannopyranose 'C6 H12 O6'
CA non-polymer 'CALCIUM ION' 'Ca 2'
CL non-polymer 'CHLORIDE ION' 'Cl -1'
K non-polymer 'POTASSIUM ION' 'K 1'
MAN D-saccharide, alpha linking alpha-D-mannopyranose 'C6 H12 O6'
NA non-polymer 'SODIUM ION' 'Na 1'
NAG D-saccharide, beta linking 2-acetamido-2-deoxy-beta-D-glucopyranose 'C8 H15 N O6'
XSK non-polymer 1-[(3aR,6aS)-5-(1H-benzotriazole-5-carbonyl)hexahydropyrrolo[3,4-c]pyrrol-2(1H)-yl]-2-[4-(trifluoromethoxy)phenoxy]ethan-1-one 'C22 H20 F3 N5 O4'
ZIB non-polymer 1-[(3aS,6aS)-5-(1H-benzotriazole-5-carbonyl)hexahydropyrrolo[3,4-c]pyrrol-2(1H)-yl]-2-[4-(trifluoromethoxy)phenoxy]ethan-1-one 'C22 H20 F3 N5 O4'
ZN non-polymer 'ZINC ION' 'Zn 2'
#
# COMPACT_ATOMS: atom_id res chain seq x y z
N TRP A 24 25.30 7.82 30.56
CA TRP A 24 25.54 8.89 31.56
C TRP A 24 25.79 10.28 30.92
N THR A 25 24.91 11.23 31.26
CA THR A 25 25.04 12.66 30.91
C THR A 25 25.52 13.48 32.13
N ALA A 26 26.55 14.29 31.92
CA ALA A 26 26.88 15.36 32.86
C ALA A 26 25.93 16.53 32.58
N THR A 27 24.74 16.46 33.18
CA THR A 27 23.65 17.45 32.93
C THR A 27 23.92 18.85 33.56
N SER A 28 25.21 19.13 33.80
CA SER A 28 25.71 20.37 34.41
C SER A 28 25.96 21.56 33.46
N GLY A 29 25.95 21.32 32.13
CA GLY A 29 25.96 22.42 31.15
C GLY A 29 24.62 23.14 31.09
N SER A 30 24.50 24.11 30.19
CA SER A 30 23.31 24.90 30.10
C SER A 30 22.73 24.98 28.69
N CYS A 31 21.41 25.12 28.64
CA CYS A 31 20.67 25.26 27.40
C CYS A 31 20.57 26.69 26.91
N LYS A 32 21.11 27.66 27.65
CA LYS A 32 21.05 29.08 27.29
C LYS A 32 21.37 29.26 25.79
N GLY A 33 20.48 29.93 25.05
CA GLY A 33 20.58 30.04 23.57
C GLY A 33 20.76 28.77 22.72
N ARG A 34 20.47 27.59 23.26
CA ARG A 34 20.55 26.33 22.53
C ARG A 34 19.20 25.61 22.48
N CYS A 35 18.12 26.30 22.80
CA CYS A 35 16.84 25.56 22.95
C CYS A 35 16.45 24.98 21.59
N PHE A 36 16.24 23.66 21.53
CA PHE A 36 15.83 22.97 20.31
C PHE A 36 16.85 23.19 19.18
N GLU A 37 18.11 23.32 19.59
CA GLU A 37 19.27 23.20 18.71
C GLU A 37 19.07 22.04 17.74
N LEU A 38 19.64 22.16 16.55
CA LEU A 38 19.43 21.23 15.45
C LEU A 38 20.51 20.16 15.26
N GLN A 39 21.75 20.42 15.69
CA GLN A 39 22.76 19.35 15.87
C GLN A 39 22.51 18.62 17.18
N GLU A 40 22.46 17.29 17.14
CA GLU A 40 22.43 16.53 18.39
C GLU A 40 23.87 16.36 18.91
N VAL A 41 24.26 17.16 19.92
CA VAL A 41 25.61 17.00 20.54
C VAL A 41 25.72 15.64 21.27
N GLY A 42 26.91 15.03 21.12
CA GLY A 42 27.18 13.68 21.62
C GLY A 42 27.65 13.70 23.08
N PRO A 43 27.22 12.67 23.87
CA PRO A 43 27.57 12.52 25.31
C PRO A 43 29.07 12.77 25.67
N PRO A 44 29.36 13.33 26.88
CA PRO A 44 28.38 13.69 27.93
C PRO A 44 28.25 15.23 28.16
N ASP A 45 28.23 15.98 27.06
CA ASP A 45 27.71 17.34 27.08
C ASP A 45 26.20 17.13 27.24
N CYS A 46 25.50 18.05 27.88
CA CYS A 46 24.06 17.86 28.06
C CYS A 46 23.28 18.34 26.84
N ARG A 47 22.15 17.70 26.58
CA ARG A 47 21.43 17.95 25.35
C ARG A 47 20.27 18.93 25.59
N CYS A 48 19.84 19.60 24.53
CA CYS A 48 18.71 20.55 24.58
C CYS A 48 17.76 20.34 23.38
N ASP A 49 17.87 19.19 22.70
CA ASP A 49 17.07 18.95 21.48
C ASP A 49 15.69 18.37 21.86
N ASN A 50 14.76 18.37 20.90
CA ASN A 50 13.33 18.11 21.21
C ASN A 50 13.08 16.67 21.66
N LEU A 51 14.18 15.91 21.73
CA LEU A 51 14.28 14.53 22.12
C LEU A 51 15.01 14.20 23.46
N CYS A 52 15.78 15.15 23.99
CA CYS A 52 16.54 14.95 25.24
C CYS A 52 15.73 14.37 26.42
N LYS A 53 14.45 14.76 26.56
CA LYS A 53 13.60 14.25 27.64
C LYS A 53 13.53 12.73 27.59
N SER A 54 13.26 12.24 26.37
CA SER A 54 13.11 10.81 26.04
C SER A 54 14.37 10.01 26.26
N TYR A 55 15.50 10.69 26.33
CA TYR A 55 16.81 10.09 26.58
C TYR A 55 17.31 10.32 28.02
N SER A 56 16.49 10.96 28.85
CA SER A 56 16.94 11.47 30.17
C SER A 56 18.29 12.20 30.10
N SER A 57 18.41 13.22 29.25
CA SER A 57 19.72 13.84 28.94
C SER A 57 19.73 15.38 28.81
N CYS A 58 18.57 15.99 29.03
CA CYS A 58 18.42 17.45 29.02
C CYS A 58 19.31 18.13 30.07
N CYS A 59 19.89 19.30 29.74
CA CYS A 59 20.58 20.15 30.72
C CYS A 59 19.60 20.48 31.82
N HIS A 60 20.18 20.79 33.00
CA HIS A 60 19.44 21.09 34.20
C HIS A 60 18.39 22.14 34.00
N ASP A 61 18.67 23.11 33.11
CA ASP A 61 17.80 24.30 32.89
C ASP A 61 16.94 24.24 31.61
N PHE A 62 16.88 23.06 31.01
CA PHE A 62 16.03 22.84 29.81
C PHE A 62 14.61 23.31 30.02
N ASP A 63 13.95 22.86 31.09
CA ASP A 63 12.55 23.29 31.36
C ASP A 63 12.38 24.81 31.51
N GLU A 64 13.28 25.40 32.29
CA GLU A 64 13.22 26.81 32.60
C GLU A 64 13.34 27.65 31.33
N LEU A 65 14.33 27.33 30.53
CA LEU A 65 14.66 28.17 29.40
C LEU A 65 13.88 27.77 28.16
N CYS A 66 13.75 26.47 27.92
CA CYS A 66 13.22 25.99 26.65
C CYS A 66 11.75 25.65 26.71
N LEU A 67 11.17 25.49 27.90
CA LEU A 67 9.74 25.13 27.93
C LEU A 67 8.93 26.20 28.68
N LYS A 68 9.19 27.46 28.36
CA LYS A 68 8.47 28.58 29.00
C LYS A 68 6.97 28.51 28.76
N THR A 69 6.19 28.87 29.76
CA THR A 69 4.75 28.80 29.61
C THR A 69 4.07 30.08 30.11
N ALA A 70 4.84 30.96 30.77
CA ALA A 70 4.27 32.16 31.40
C ALA A 70 3.40 32.94 30.44
N ARG A 71 2.20 33.30 30.90
CA ARG A 71 1.24 34.17 30.17
C ARG A 71 0.47 33.45 29.07
N GLY A 72 0.82 32.19 28.82
CA GLY A 72 0.13 31.35 27.84
C GLY A 72 0.59 31.62 26.40
N TRP A 73 -0.33 31.44 25.44
CA TRP A 73 0.07 31.29 24.02
C TRP A 73 -0.51 32.36 23.11
N GLU A 74 -1.28 33.28 23.70
CA GLU A 74 -1.96 34.28 22.89
C GLU A 74 -1.68 35.71 23.39
N CYS A 75 -1.50 36.62 22.45
CA CYS A 75 -1.45 38.04 22.72
C CYS A 75 -2.85 38.53 23.09
N THR A 76 -2.92 39.37 24.12
CA THR A 76 -4.17 40.06 24.50
C THR A 76 -3.92 41.54 24.19
N LYS A 77 -4.99 42.32 24.07
CA LYS A 77 -4.87 43.74 23.71
C LYS A 77 -3.85 44.50 24.55
N ASP A 78 -3.89 44.32 25.86
CA ASP A 78 -2.94 45.02 26.73
C ASP A 78 -1.47 44.62 26.57
N ARG A 79 -1.16 43.48 25.97
CA ARG A 79 0.25 43.10 25.81
C ARG A 79 0.89 43.79 24.60
N CYS A 80 0.06 44.39 23.75
CA CYS A 80 0.55 44.93 22.51
C CYS A 80 1.60 45.98 22.80
N GLY A 81 2.71 45.92 22.06
CA GLY A 81 3.85 46.79 22.28
C GLY A 81 4.55 46.70 23.64
N GLU A 82 4.12 45.79 24.51
CA GLU A 82 4.82 45.53 25.78
C GLU A 82 6.34 45.64 25.71
N VAL A 83 6.95 45.82 26.88
CA VAL A 83 8.39 45.66 27.02
C VAL A 83 8.75 44.16 27.05
N ARG A 84 9.62 43.74 26.14
CA ARG A 84 10.03 42.36 26.09
C ARG A 84 10.45 41.82 27.46
N ASN A 85 9.81 40.72 27.86
CA ASN A 85 10.16 40.01 29.05
C ASN A 85 10.46 38.58 28.65
N GLU A 86 11.73 38.16 28.80
CA GLU A 86 12.17 36.89 28.26
C GLU A 86 11.54 35.69 28.98
N GLU A 87 10.80 35.92 30.06
CA GLU A 87 10.14 34.80 30.78
C GLU A 87 8.81 34.35 30.12
N ASN A 88 8.33 35.13 29.16
CA ASN A 88 7.03 34.86 28.52
C ASN A 88 7.15 33.69 27.52
N ALA A 89 6.04 32.97 27.33
CA ALA A 89 6.06 31.79 26.45
C ALA A 89 6.22 32.32 25.05
N CYS A 90 5.57 33.44 24.77
CA CYS A 90 5.70 34.10 23.46
C CYS A 90 5.46 35.59 23.67
N HIS A 91 5.73 36.40 22.65
CA HIS A 91 5.88 37.84 22.85
C HIS A 91 4.89 38.68 22.08
N CYS A 92 4.53 39.82 22.64
CA CYS A 92 3.69 40.75 21.92
C CYS A 92 4.38 42.11 21.80
N SER A 93 5.69 42.12 22.05
CA SER A 93 6.52 43.32 21.97
C SER A 93 6.80 43.69 20.50
N GLU A 94 7.34 44.89 20.26
CA GLU A 94 7.55 45.36 18.90
C GLU A 94 8.67 44.63 18.16
N ASP A 95 9.65 44.09 18.91
CA ASP A 95 10.76 43.43 18.29
C ASP A 95 10.47 41.95 18.01
N CYS A 96 9.23 41.48 18.25
CA CYS A 96 8.99 40.02 18.18
C CYS A 96 9.07 39.44 16.73
N LEU A 97 8.60 40.18 15.74
CA LEU A 97 8.73 39.69 14.34
C LEU A 97 10.17 39.44 13.92
N SER A 98 11.12 40.30 14.33
CA SER A 98 12.53 40.13 13.94
C SER A 98 13.25 39.13 14.81
N ARG A 99 12.78 38.95 16.05
CA ARG A 99 13.28 37.89 16.94
C ARG A 99 12.67 36.51 16.53
N GLY A 100 11.65 36.55 15.65
CA GLY A 100 10.87 35.34 15.27
C GLY A 100 10.07 34.63 16.37
N ASP A 101 9.66 35.35 17.41
CA ASP A 101 9.00 34.70 18.55
C ASP A 101 7.74 35.36 19.08
N CYS A 102 7.03 36.07 18.21
CA CYS A 102 5.68 36.54 18.52
C CYS A 102 4.75 35.35 18.80
N CYS A 103 3.72 35.58 19.60
CA CYS A 103 2.57 34.65 19.68
C CYS A 103 1.93 34.67 18.31
N THR A 104 1.36 33.54 17.92
CA THR A 104 0.97 33.34 16.52
C THR A 104 -0.16 34.30 16.17
N ASN A 105 -0.90 34.76 17.17
CA ASN A 105 -2.01 35.70 16.92
C ASN A 105 -1.58 37.20 17.12
N TYR A 106 -0.29 37.43 17.31
CA TYR A 106 0.21 38.81 17.43
C TYR A 106 -0.35 39.82 16.43
N GLN A 107 -0.15 39.59 15.14
CA GLN A 107 -0.62 40.55 14.16
C GLN A 107 -2.11 40.74 14.17
N VAL A 108 -2.85 39.69 14.51
CA VAL A 108 -4.29 39.83 14.57
C VAL A 108 -4.70 40.80 15.68
N VAL A 109 -4.17 40.54 16.87
CA VAL A 109 -4.55 41.27 18.07
C VAL A 109 -3.99 42.70 18.05
N CYS A 110 -2.71 42.84 17.67
CA CYS A 110 -2.01 44.10 17.83
C CYS A 110 -1.88 44.96 16.58
N LYS A 111 -2.00 44.35 15.39
CA LYS A 111 -1.82 45.10 14.14
C LYS A 111 -3.04 45.11 13.21
N GLY A 112 -4.21 44.77 13.74
CA GLY A 112 -5.45 44.78 12.95
C GLY A 112 -5.57 43.76 11.81
N GLU A 113 -4.64 42.79 11.75
CA GLU A 113 -4.69 41.70 10.76
C GLU A 113 -5.85 40.74 10.91
N SER A 114 -6.20 40.03 9.84
CA SER A 114 -7.23 38.93 9.92
C SER A 114 -6.55 37.58 10.16
N HIS A 115 -7.22 36.65 10.87
CA HIS A 115 -6.74 35.23 10.94
C HIS A 115 -6.68 34.67 9.53
N TRP A 116 -5.72 33.80 9.23
CA TRP A 116 -5.70 33.15 7.93
C TRP A 116 -7.00 32.48 7.51
N VAL A 117 -7.68 31.78 8.43
CA VAL A 117 -8.96 31.11 8.08
C VAL A 117 -10.04 32.04 7.60
N ASP A 118 -9.98 33.31 8.03
CA ASP A 118 -10.93 34.29 7.55
C ASP A 118 -10.64 34.89 6.17
N ASP A 119 -9.43 34.71 5.65
CA ASP A 119 -9.10 35.22 4.32
C ASP A 119 -9.73 34.30 3.27
N ASP A 120 -10.32 34.90 2.24
CA ASP A 120 -10.76 34.22 1.03
C ASP A 120 -9.61 33.39 0.52
N CYS A 121 -9.85 32.23 -0.08
CA CYS A 121 -8.66 31.68 -0.63
C CYS A 121 -8.37 32.17 -2.02
N GLU A 122 -7.09 32.18 -2.37
CA GLU A 122 -6.64 32.83 -3.58
C GLU A 122 -5.62 31.87 -4.12
N GLU A 123 -5.73 31.53 -5.39
CA GLU A 123 -4.78 30.63 -6.00
C GLU A 123 -3.34 31.06 -5.79
N ILE A 124 -2.47 30.10 -5.47
CA ILE A 124 -1.04 30.39 -5.31
C ILE A 124 -0.34 29.85 -6.57
N LYS A 125 -0.16 30.69 -7.58
CA LYS A 125 0.37 30.21 -8.87
C LYS A 125 1.86 30.06 -8.85
N VAL A 126 2.55 30.89 -8.07
CA VAL A 126 4.02 30.84 -7.98
C VAL A 126 4.40 30.97 -6.49
N PRO A 127 5.55 30.44 -6.06
CA PRO A 127 5.85 30.73 -4.64
C PRO A 127 6.08 32.20 -4.39
N GLU A 128 5.50 32.72 -3.32
CA GLU A 128 5.74 34.11 -2.93
C GLU A 128 6.57 34.09 -1.63
N CYS A 129 7.91 34.05 -1.73
CA CYS A 129 8.80 33.77 -0.60
C CYS A 129 9.67 35.01 -0.27
N PRO A 130 10.06 35.23 1.02
CA PRO A 130 11.04 36.30 1.28
C PRO A 130 12.40 36.06 0.63
N ALA A 131 13.16 37.14 0.48
CA ALA A 131 14.47 37.03 -0.15
C ALA A 131 15.30 36.09 0.67
N GLY A 132 16.11 35.31 -0.05
CA GLY A 132 16.98 34.36 0.60
C GLY A 132 16.43 32.95 0.72
N PHE A 133 15.13 32.75 0.53
CA PHE A 133 14.58 31.39 0.50
C PHE A 133 14.91 30.70 -0.84
N VAL A 134 15.71 29.61 -0.85
CA VAL A 134 16.10 28.95 -2.13
C VAL A 134 15.02 28.04 -2.76
N ARG A 135 14.03 27.66 -1.95
CA ARG A 135 12.98 26.71 -2.38
C ARG A 135 11.84 26.88 -1.38
N PRO A 136 10.61 26.59 -1.80
CA PRO A 136 9.50 26.62 -0.81
C PRO A 136 9.73 25.51 0.28
N PRO A 137 9.80 25.88 1.56
CA PRO A 137 9.86 24.88 2.63
C PRO A 137 8.66 23.91 2.58
N LEU A 138 8.86 22.69 3.11
CA LEU A 138 7.77 21.72 3.22
C LEU A 138 7.45 21.54 4.72
N ILE A 139 6.20 21.72 5.11
CA ILE A 139 5.79 21.41 6.50
C ILE A 139 4.82 20.20 6.48
N ILE A 140 5.19 19.11 7.19
CA ILE A 140 4.36 17.93 7.27
C ILE A 140 3.60 18.01 8.63
N PHE A 141 2.26 18.11 8.60
CA PHE A 141 1.49 18.24 9.83
C PHE A 141 0.84 16.87 9.99
N SER A 142 1.42 15.99 10.80
CA SER A 142 0.90 14.61 10.88
C SER A 142 0.02 14.38 12.09
N VAL A 143 -1.10 13.69 11.86
CA VAL A 143 -2.14 13.50 12.90
C VAL A 143 -2.41 12.01 13.10
N ASP A 144 -2.24 11.54 14.33
CA ASP A 144 -2.43 10.14 14.69
C ASP A 144 -3.95 9.80 14.76
N GLY A 145 -4.36 8.71 14.12
CA GLY A 145 -5.75 8.23 14.23
C GLY A 145 -6.80 9.09 13.56
N PHE A 146 -6.39 9.96 12.62
CA PHE A 146 -7.31 10.83 11.97
C PHE A 146 -8.02 10.04 10.84
N ARG A 147 -9.19 9.49 11.16
CA ARG A 147 -9.97 8.73 10.20
C ARG A 147 -10.52 9.58 9.10
N ALA A 148 -10.52 9.05 7.86
CA ALA A 148 -10.87 9.78 6.60
C ALA A 148 -12.20 10.47 6.72
N SER A 149 -13.22 9.79 7.30
CA SER A 149 -14.55 10.41 7.39
C SER A 149 -14.66 11.56 8.37
N TYR A 150 -13.64 11.81 9.21
CA TYR A 150 -13.62 13.06 10.00
C TYR A 150 -13.64 14.31 9.13
N MET A 151 -13.10 14.23 7.90
CA MET A 151 -13.10 15.44 7.05
C MET A 151 -14.51 15.95 6.78
N LYS A 152 -15.44 15.04 6.52
CA LYS A 152 -16.83 15.45 6.30
C LYS A 152 -17.59 15.58 7.63
N LYS A 153 -17.46 14.56 8.47
CA LYS A 153 -18.24 14.47 9.71
C LYS A 153 -17.84 15.55 10.76
N GLY A 154 -16.56 15.95 10.79
CA GLY A 154 -16.15 16.97 11.74
C GLY A 154 -16.03 18.35 11.12
N SER A 155 -16.49 18.52 9.87
CA SER A 155 -16.12 19.73 9.10
C SER A 155 -16.54 21.08 9.72
N LYS A 156 -17.68 21.07 10.42
CA LYS A 156 -18.23 22.22 11.21
C LYS A 156 -17.34 22.73 12.33
N VAL A 157 -16.54 21.86 12.91
CA VAL A 157 -15.73 22.29 13.98
C VAL A 157 -14.25 22.41 13.52
N MET A 158 -13.97 22.23 12.23
CA MET A 158 -12.56 22.36 11.77
C MET A 158 -12.40 23.37 10.60
N PRO A 159 -12.65 24.66 10.87
CA PRO A 159 -12.62 25.56 9.70
C PRO A 159 -11.22 25.74 9.02
N ASN A 160 -10.13 25.72 9.80
CA ASN A 160 -8.79 25.85 9.26
C ASN A 160 -8.49 24.64 8.35
N ILE A 161 -8.75 23.44 8.87
CA ILE A 161 -8.49 22.21 8.13
C ILE A 161 -9.35 22.14 6.87
N GLU A 162 -10.60 22.61 7.02
CA GLU A 162 -11.56 22.65 5.92
C GLU A 162 -11.10 23.61 4.84
N LYS A 163 -10.43 24.68 5.24
CA LYS A 163 -9.89 25.61 4.25
C LYS A 163 -8.68 25.05 3.46
N LEU A 164 -7.74 24.43 4.18
CA LEU A 164 -6.66 23.75 3.50
C LEU A 164 -7.20 22.77 2.48
N ARG A 165 -8.20 22.01 2.94
CA ARG A 165 -8.75 20.91 2.12
C ARG A 165 -9.47 21.45 0.90
N SER A 166 -10.37 22.43 1.07
CA SER A 166 -11.13 22.85 -0.13
C SER A 166 -10.29 23.72 -1.07
N CYS A 167 -9.34 24.48 -0.54
CA CYS A 167 -8.47 25.35 -1.38
C CYS A 167 -7.28 24.62 -2.02
N GLY A 168 -6.75 23.59 -1.35
CA GLY A 168 -5.58 22.93 -1.83
C GLY A 168 -6.02 21.74 -2.66
N THR A 169 -5.21 20.68 -2.55
CA THR A 169 -5.35 19.45 -3.29
C THR A 169 -5.75 18.42 -2.21
N HIS A 170 -6.85 17.66 -2.39
CA HIS A 170 -7.16 16.65 -1.36
C HIS A 170 -7.62 15.31 -1.97
N ALA A 171 -7.45 14.20 -1.24
CA ALA A 171 -8.03 12.92 -1.68
C ALA A 171 -9.21 12.64 -0.74
N PRO A 172 -10.26 11.91 -1.20
CA PRO A 172 -11.36 11.58 -0.25
C PRO A 172 -10.84 10.71 0.90
N TYR A 173 -9.77 9.96 0.65
CA TYR A 173 -9.02 9.25 1.73
C TYR A 173 -7.71 8.76 1.20
N MET A 174 -6.82 8.40 2.13
CA MET A 174 -5.49 7.88 1.75
C MET A 174 -5.45 6.51 2.45
N ARG A 175 -5.06 5.48 1.70
CA ARG A 175 -4.87 4.11 2.25
C ARG A 175 -3.56 3.93 3.02
N PRO A 176 -3.69 3.44 4.25
CA PRO A 176 -2.46 3.22 5.07
C PRO A 176 -1.85 1.90 4.65
N VAL A 177 -0.73 1.51 5.26
CA VAL A 177 -0.19 0.18 5.05
C VAL A 177 -0.63 -0.76 6.16
N TYR A 178 -0.53 -2.07 5.90
CA TYR A 178 -0.77 -3.14 6.94
C TYR A 178 0.52 -3.53 7.68
N PRO A 179 0.48 -3.62 9.04
CA PRO A 179 -0.72 -3.39 9.85
C PRO A 179 -0.97 -1.92 10.06
N THR A 180 -2.24 -1.61 10.26
CA THR A 180 -2.65 -0.21 10.39
C THR A 180 -2.41 0.30 11.83
N LYS A 181 -1.15 0.11 12.27
CA LYS A 181 -0.60 0.54 13.53
C LYS A 181 0.30 1.76 13.28
N THR A 182 0.59 2.50 14.36
CA THR A 182 1.18 3.84 14.31
C THR A 182 2.62 3.82 13.82
N PHE A 183 3.48 2.99 14.43
CA PHE A 183 4.90 3.05 14.07
C PHE A 183 5.12 2.58 12.62
N PRO A 184 4.48 1.44 12.21
CA PRO A 184 4.69 1.05 10.81
C PRO A 184 4.19 2.09 9.84
N ASN A 185 3.04 2.70 10.12
CA ASN A 185 2.59 3.71 9.15
C ASN A 185 3.36 5.03 9.13
N LEU A 186 3.73 5.57 10.30
CA LEU A 186 4.53 6.83 10.26
C LEU A 186 5.90 6.57 9.56
N TYR A 187 6.50 5.43 9.84
CA TYR A 187 7.76 5.17 9.17
C TYR A 187 7.59 4.82 7.69
N THR A 188 6.44 4.20 7.32
CA THR A 188 6.16 4.06 5.87
C THR A 188 6.02 5.48 5.24
N LEU A 189 5.31 6.40 5.92
CA LEU A 189 5.21 7.76 5.38
C LEU A 189 6.62 8.36 5.14
N ALA A 190 7.56 8.07 6.03
CA ALA A 190 8.90 8.70 5.98
C ALA A 190 9.83 8.08 4.95
N THR A 191 9.56 6.84 4.55
CA THR A 191 10.50 6.05 3.73
C THR A 191 9.96 5.64 2.39
N GLY A 192 8.64 5.73 2.20
CA GLY A 192 8.03 5.09 1.01
C GLY A 192 8.13 3.57 0.92
N LEU A 193 8.45 2.90 2.01
CA LEU A 193 8.62 1.42 1.98
C LEU A 193 7.48 0.66 2.71
N TYR A 194 7.13 -0.52 2.24
CA TYR A 194 6.32 -1.43 3.08
C TYR A 194 7.08 -1.78 4.41
N PRO A 195 6.35 -1.96 5.49
CA PRO A 195 6.90 -2.43 6.77
C PRO A 195 7.84 -3.63 6.66
N GLU A 196 7.53 -4.61 5.80
CA GLU A 196 8.42 -5.76 5.60
C GLU A 196 9.80 -5.37 5.15
N SER A 197 9.91 -4.27 4.36
CA SER A 197 11.20 -3.78 3.92
C SER A 197 11.84 -2.78 4.87
N HIS A 198 11.07 -1.89 5.50
CA HIS A 198 11.66 -0.96 6.47
C HIS A 198 11.95 -1.55 7.89
N GLY A 199 11.24 -2.62 8.21
CA GLY A 199 11.57 -3.43 9.39
C GLY A 199 10.70 -3.11 10.56
N ILE A 200 9.93 -2.03 10.47
CA ILE A 200 9.04 -1.76 11.58
C ILE A 200 7.68 -2.44 11.32
N VAL A 201 7.61 -3.74 11.66
CA VAL A 201 6.51 -4.60 11.18
C VAL A 201 5.36 -4.64 12.15
N GLY A 202 5.52 -3.95 13.26
CA GLY A 202 4.48 -3.85 14.31
C GLY A 202 4.83 -2.78 15.33
N ASN A 203 3.94 -2.53 16.27
CA ASN A 203 4.31 -1.70 17.42
C ASN A 203 5.16 -2.49 18.40
N SER A 204 5.07 -3.82 18.32
CA SER A 204 5.85 -4.72 19.16
C SER A 204 6.56 -5.75 18.25
N MET A 205 7.86 -6.00 18.46
CA MET A 205 8.59 -6.98 17.67
C MET A 205 9.66 -7.77 18.42
N TYR A 206 9.96 -8.97 17.91
CA TYR A 206 11.12 -9.75 18.33
C TYR A 206 11.96 -10.02 17.10
N ASP A 207 13.23 -9.72 17.16
CA ASP A 207 14.13 -10.08 16.07
C ASP A 207 15.08 -11.25 16.55
N PRO A 208 14.89 -12.44 15.98
CA PRO A 208 15.56 -13.71 16.35
C PRO A 208 17.06 -13.67 16.05
N VAL A 209 17.50 -12.83 15.12
CA VAL A 209 18.94 -12.73 14.80
C VAL A 209 19.66 -11.87 15.85
N PHE A 210 19.09 -10.69 16.11
CA PHE A 210 19.53 -9.86 17.22
C PHE A 210 19.26 -10.56 18.55
N ASP A 211 18.32 -11.51 18.59
CA ASP A 211 17.67 -11.90 19.86
C ASP A 211 17.37 -10.64 20.68
N ALA A 212 16.58 -9.71 20.14
CA ALA A 212 16.24 -8.53 20.91
C ALA A 212 14.79 -8.16 20.67
N SER A 213 14.16 -7.57 21.66
CA SER A 213 12.74 -7.16 21.50
C SER A 213 12.58 -5.62 21.37
N PHE A 214 11.65 -5.19 20.52
CA PHE A 214 11.33 -3.77 20.31
C PHE A 214 9.99 -3.58 21.01
N HIS A 215 9.91 -2.55 21.86
CA HIS A 215 8.71 -2.26 22.66
C HIS A 215 8.39 -0.76 22.59
N LEU A 216 7.11 -0.42 22.78
CA LEU A 216 6.64 0.96 22.90
C LEU A 216 7.25 1.71 24.08
N ARG A 217 7.31 1.03 25.23
CA ARG A 217 7.98 1.53 26.43
C ARG A 217 9.42 1.03 26.46
N GLY A 218 10.39 1.95 26.45
CA GLY A 218 11.76 1.57 26.75
C GLY A 218 12.78 2.03 25.73
N ARG A 219 14.04 1.67 26.00
CA ARG A 219 15.16 2.25 25.26
C ARG A 219 15.63 1.44 24.01
N GLU A 220 15.26 0.15 23.92
CA GLU A 220 15.59 -0.69 22.75
C GLU A 220 15.12 -0.06 21.40
N LYS A 221 13.87 0.42 21.34
CA LYS A 221 13.26 1.05 20.16
C LYS A 221 14.06 2.25 19.54
N PHE A 222 14.95 2.86 20.32
CA PHE A 222 15.80 3.96 19.84
C PHE A 222 17.02 3.49 19.05
N ASN A 223 17.40 2.23 19.24
CA ASN A 223 18.55 1.64 18.56
C ASN A 223 18.38 1.66 17.02
N HIS A 224 19.40 2.15 16.32
CA HIS A 224 19.30 2.36 14.88
C HIS A 224 18.99 1.09 14.11
N ARG A 225 19.48 -0.05 14.57
CA ARG A 225 19.33 -1.29 13.80
C ARG A 225 17.87 -1.76 13.55
N TRP A 226 16.88 -1.26 14.30
CA TRP A 226 15.45 -1.54 13.93
C TRP A 226 15.02 -0.82 12.62
N TRP A 227 15.63 0.34 12.34
CA TRP A 227 15.06 1.34 11.42
C TRP A 227 15.71 1.18 10.07
N GLY A 228 15.06 0.45 9.17
CA GLY A 228 15.66 0.24 7.84
C GLY A 228 15.28 1.36 6.86
N GLY A 229 15.76 1.26 5.62
CA GLY A 229 15.36 2.23 4.63
C GLY A 229 16.08 3.56 4.79
N GLN A 230 15.61 4.59 4.10
CA GLN A 230 16.20 5.87 4.26
C GLN A 230 15.07 6.89 4.38
N PRO A 231 14.75 7.28 5.60
CA PRO A 231 13.65 8.24 5.84
C PRO A 231 13.98 9.62 5.27
N LEU A 232 12.92 10.40 5.01
CA LEU A 232 13.02 11.70 4.36
C LEU A 232 14.05 12.65 4.96
N TRP A 233 14.12 12.78 6.29
CA TRP A 233 15.15 13.68 6.93
C TRP A 233 16.59 13.25 6.59
N ILE A 234 16.85 11.97 6.35
CA ILE A 234 18.20 11.51 6.00
C ILE A 234 18.43 11.74 4.52
N THR A 235 17.39 11.50 3.71
CA THR A 235 17.51 11.75 2.25
C THR A 235 17.84 13.27 2.01
N ALA A 236 17.15 14.12 2.75
CA ALA A 236 17.29 15.57 2.64
C ALA A 236 18.73 15.96 3.03
N THR A 237 19.11 15.56 4.24
CA THR A 237 20.44 15.85 4.81
C THR A 237 21.58 15.45 3.90
N LYS A 238 21.57 14.21 3.39
CA LYS A 238 22.62 13.72 2.48
C LYS A 238 22.67 14.48 1.18
N GLN A 239 21.63 15.21 0.85
CA GLN A 239 21.60 15.94 -0.43
C GLN A 239 21.65 17.44 -0.18
N GLY A 240 22.07 17.82 1.01
CA GLY A 240 22.34 19.21 1.34
C GLY A 240 21.10 20.06 1.66
N VAL A 241 19.95 19.43 1.94
CA VAL A 241 18.73 20.12 2.31
C VAL A 241 18.60 19.92 3.83
N ARG A 242 18.49 20.99 4.60
CA ARG A 242 18.47 20.82 6.07
C ARG A 242 17.06 20.52 6.55
N ALA A 243 16.99 19.72 7.59
CA ALA A 243 15.72 19.22 8.05
C ALA A 243 15.57 19.66 9.53
N GLY A 244 14.37 20.12 9.90
CA GLY A 244 13.93 20.18 11.31
C GLY A 244 13.84 18.78 11.93
N THR A 245 13.76 18.69 13.26
CA THR A 245 13.76 17.34 13.83
C THR A 245 12.31 16.80 13.83
N PHE A 246 12.08 15.58 13.33
CA PHE A 246 10.70 15.02 13.21
C PHE A 246 10.02 14.55 14.51
N PHE A 247 10.81 14.09 15.49
CA PHE A 247 10.29 13.52 16.75
C PHE A 247 10.08 14.58 17.82
N TRP A 248 8.90 14.52 18.48
CA TRP A 248 8.60 15.46 19.58
C TRP A 248 8.30 14.72 20.89
N SER A 249 8.95 15.07 22.00
CA SER A 249 8.58 14.40 23.29
C SER A 249 7.13 14.68 23.61
N VAL A 250 6.40 13.64 24.10
CA VAL A 250 4.94 13.73 24.38
C VAL A 250 4.56 14.94 25.22
N SER A 251 5.40 15.30 26.20
CA SER A 251 5.04 16.38 27.13
C SER A 251 5.32 17.79 26.62
N ILE A 252 5.93 17.95 25.45
CA ILE A 252 6.01 19.30 24.85
C ILE A 252 4.66 19.68 24.28
N PRO A 253 4.06 20.78 24.79
CA PRO A 253 2.71 21.10 24.32
C PRO A 253 2.70 21.48 22.84
N HIS A 254 1.58 21.23 22.16
CA HIS A 254 1.44 21.57 20.74
C HIS A 254 1.82 22.99 20.42
N GLU A 255 1.40 23.91 21.29
CA GLU A 255 1.70 25.32 21.05
C GLU A 255 3.22 25.57 21.00
N ARG A 256 3.98 24.85 21.82
CA ARG A 256 5.44 25.01 21.85
C ARG A 256 6.07 24.43 20.60
N ARG A 257 5.46 23.34 20.10
CA ARG A 257 6.01 22.66 18.90
C ARG A 257 5.88 23.60 17.70
N ILE A 258 4.75 24.23 17.61
CA ILE A 258 4.42 25.22 16.57
C ILE A 258 5.37 26.41 16.65
N LEU A 259 5.50 27.01 17.83
CA LEU A 259 6.39 28.15 17.99
C LEU A 259 7.85 27.78 17.66
N THR A 260 8.33 26.60 18.03
CA THR A 260 9.66 26.13 17.64
C THR A 260 9.88 26.04 16.12
N ILE A 261 8.91 25.44 15.42
CA ILE A 261 8.91 25.42 13.93
C ILE A 261 8.98 26.84 13.37
N LEU A 262 8.18 27.75 13.89
CA LEU A 262 8.16 29.12 13.37
C LEU A 262 9.49 29.81 13.71
N GLN A 263 10.03 29.52 14.87
CA GLN A 263 11.33 30.09 15.22
C GLN A 263 12.39 29.61 14.26
N TRP A 264 12.34 28.33 13.93
CA TRP A 264 13.36 27.76 13.06
C TRP A 264 13.26 28.37 11.70
N LEU A 265 12.05 28.71 11.28
CA LEU A 265 11.80 29.41 10.00
C LEU A 265 12.33 30.85 9.95
N SER A 266 12.70 31.45 11.09
CA SER A 266 13.41 32.76 11.08
C SER A 266 14.92 32.63 11.17
N LEU A 267 15.47 31.41 11.20
CA LEU A 267 16.93 31.26 11.23
C LEU A 267 17.55 31.91 9.96
N PRO A 268 18.81 32.36 10.05
CA PRO A 268 19.50 32.81 8.80
C PRO A 268 19.53 31.70 7.77
N ASP A 269 19.55 32.12 6.50
CA ASP A 269 19.48 31.25 5.32
C ASP A 269 20.33 30.00 5.35
N ASN A 270 21.57 30.15 5.79
CA ASN A 270 22.49 29.07 5.88
C ASN A 270 22.14 28.10 7.02
N GLU A 271 21.29 28.50 7.98
CA GLU A 271 20.99 27.64 9.15
C GLU A 271 19.56 27.07 9.14
N ARG A 272 18.69 27.65 8.30
CA ARG A 272 17.27 27.38 8.27
C ARG A 272 16.97 26.05 7.61
N PRO A 273 16.22 25.16 8.29
CA PRO A 273 15.84 23.99 7.54
C PRO A 273 14.87 24.27 6.37
N SER A 274 14.82 23.35 5.40
CA SER A 274 13.79 23.38 4.36
C SER A 274 12.58 22.41 4.59
N VAL A 275 12.72 21.42 5.48
CA VAL A 275 11.63 20.48 5.70
C VAL A 275 11.43 20.38 7.21
N TYR A 276 10.16 20.33 7.62
CA TYR A 276 9.76 20.30 9.02
C TYR A 276 8.64 19.23 9.20
N ALA A 277 8.56 18.65 10.40
CA ALA A 277 7.34 17.82 10.77
C ALA A 277 6.70 18.32 12.10
N PHE A 278 5.37 18.28 12.16
CA PHE A 278 4.66 18.49 13.43
C PHE A 278 3.93 17.17 13.61
N TYR A 279 3.75 16.70 14.83
CA TYR A 279 3.03 15.48 15.06
C TYR A 279 2.03 15.71 16.19
N SER A 280 0.78 15.30 15.97
CA SER A 280 -0.28 15.34 17.01
C SER A 280 -0.70 13.94 17.48
N GLU A 281 -0.67 13.69 18.80
CA GLU A 281 -1.13 12.40 19.37
C GLU A 281 -2.65 12.29 19.28
N GLN A 282 -3.33 13.42 19.02
CA GLN A 282 -4.78 13.45 18.84
C GLN A 282 -5.15 13.46 17.30
N PRO A 283 -6.33 12.95 16.92
CA PRO A 283 -7.38 12.43 17.75
C PRO A 283 -7.20 10.93 18.26
N ASP A 284 -6.11 10.26 17.90
CA ASP A 284 -5.93 8.86 18.28
C ASP A 284 -6.17 8.62 19.79
N PHE A 285 -5.54 9.47 20.61
CA PHE A 285 -5.52 9.26 22.04
C PHE A 285 -6.97 9.23 22.61
N SER A 286 -7.80 10.18 22.25
CA SER A 286 -9.22 10.13 22.68
C SER A 286 -10.01 9.04 21.98
N GLY A 287 -9.69 8.77 20.71
CA GLY A 287 -10.38 7.70 19.93
C GLY A 287 -10.22 6.34 20.63
N HIS A 288 -9.07 6.06 21.20
CA HIS A 288 -8.92 4.77 21.91
C HIS A 288 -9.90 4.70 23.11
N LYS A 289 -10.03 5.82 23.84
CA LYS A 289 -10.88 5.82 25.03
C LYS A 289 -12.35 5.83 24.68
N TYR A 290 -12.74 6.61 23.68
CA TYR A 290 -14.15 6.89 23.45
C TYR A 290 -14.76 6.35 22.18
N GLY A 291 -13.98 5.64 21.35
CA GLY A 291 -14.43 5.21 19.99
C GLY A 291 -14.34 6.30 18.93
N PRO A 292 -14.42 5.91 17.64
CA PRO A 292 -14.10 6.92 16.63
C PRO A 292 -15.05 8.12 16.60
N PHE A 293 -16.32 7.90 16.96
CA PHE A 293 -17.36 8.93 16.89
C PHE A 293 -17.96 9.26 18.24
N GLY A 294 -17.29 8.87 19.31
CA GLY A 294 -17.82 9.24 20.64
C GLY A 294 -18.03 10.73 20.77
N PRO A 295 -19.01 11.19 21.60
CA PRO A 295 -19.26 12.63 21.74
C PRO A 295 -18.06 13.37 22.26
N GLU A 296 -17.13 12.65 22.89
CA GLU A 296 -15.91 13.28 23.46
C GLU A 296 -14.90 13.59 22.35
N MET A 297 -15.20 13.19 21.13
CA MET A 297 -14.24 13.33 20.03
C MET A 297 -14.32 14.70 19.41
N THR A 298 -15.36 15.48 19.69
CA THR A 298 -15.51 16.78 19.01
C THR A 298 -14.39 17.74 19.52
N ASN A 299 -14.19 17.78 20.84
CA ASN A 299 -13.11 18.60 21.42
C ASN A 299 -11.71 18.44 20.85
N PRO A 300 -11.20 17.19 20.74
CA PRO A 300 -9.88 16.93 20.12
C PRO A 300 -9.84 17.40 18.66
N LEU A 301 -10.95 17.34 17.90
CA LEU A 301 -10.99 17.88 16.52
C LEU A 301 -10.92 19.41 16.48
N ARG A 302 -11.67 20.09 17.37
CA ARG A 302 -11.53 21.56 17.55
C ARG A 302 -10.08 21.92 17.89
N GLU A 303 -9.49 21.18 18.81
CA GLU A 303 -8.19 21.54 19.30
C GLU A 303 -7.11 21.36 18.19
N ILE A 304 -7.15 20.27 17.43
CA ILE A 304 -6.29 20.13 16.21
C ILE A 304 -6.43 21.30 15.28
N ASP A 305 -7.69 21.64 14.99
CA ASP A 305 -7.93 22.73 14.08
C ASP A 305 -7.34 24.03 14.60
N LYS A 306 -7.45 24.24 15.90
CA LYS A 306 -6.90 25.51 16.44
C LYS A 306 -5.38 25.57 16.28
N THR A 307 -4.71 24.43 16.46
CA THR A 307 -3.28 24.31 16.15
C THR A 307 -2.93 24.56 14.68
N VAL A 308 -3.78 24.09 13.76
CA VAL A 308 -3.55 24.32 12.34
C VAL A 308 -3.63 25.85 12.13
N GLY A 309 -4.66 26.47 12.70
CA GLY A 309 -4.82 27.97 12.65
C GLY A 309 -3.63 28.72 13.23
N GLN A 310 -3.10 28.27 14.38
CA GLN A 310 -1.89 28.92 14.94
C GLN A 310 -0.70 28.85 13.95
N LEU A 311 -0.53 27.69 13.33
CA LEU A 311 0.54 27.52 12.34
C LEU A 311 0.34 28.47 11.16
N MET A 312 -0.85 28.51 10.59
CA MET A 312 -1.09 29.33 9.37
C MET A 312 -1.04 30.81 9.69
N ASP A 313 -1.52 31.18 10.88
CA ASP A 313 -1.39 32.57 11.35
C ASP A 313 0.05 32.90 11.51
N GLY A 314 0.85 31.95 12.02
CA GLY A 314 2.28 32.25 12.25
C GLY A 314 3.04 32.35 10.92
N LEU A 315 2.61 31.55 9.95
CA LEU A 315 3.25 31.63 8.63
C LEU A 315 2.84 33.00 8.01
N LYS A 316 1.56 33.33 8.02
CA LYS A 316 1.12 34.60 7.43
C LYS A 316 2.01 35.76 7.97
N GLN A 317 2.26 35.77 9.29
CA GLN A 317 3.11 36.81 9.95
C GLN A 317 4.50 36.87 9.41
N LEU A 318 5.06 35.69 9.09
CA LEU A 318 6.38 35.66 8.57
C LEU A 318 6.36 35.83 7.06
N ARG A 319 5.20 36.14 6.48
CA ARG A 319 5.06 36.27 5.02
C ARG A 319 5.37 34.94 4.36
N LEU A 320 4.94 33.84 4.98
CA LEU A 320 5.30 32.55 4.39
C LEU A 320 4.09 31.74 3.96
N HIS A 321 2.87 32.29 4.15
CA HIS A 321 1.63 31.54 3.93
C HIS A 321 1.35 31.26 2.45
N ARG A 322 2.08 31.91 1.54
CA ARG A 322 1.95 31.66 0.10
C ARG A 322 3.32 31.24 -0.45
N CYS A 323 4.16 30.71 0.44
CA CYS A 323 5.46 30.21 0.11
C CYS A 323 5.62 28.72 0.46
N VAL A 324 5.19 28.32 1.68
CA VAL A 324 5.41 26.97 2.20
C VAL A 324 4.36 25.96 1.62
N ASN A 325 4.80 24.72 1.34
CA ASN A 325 3.84 23.67 1.01
C ASN A 325 3.53 22.97 2.36
N VAL A 326 2.25 22.81 2.67
CA VAL A 326 1.80 22.11 3.89
C VAL A 326 1.19 20.80 3.48
N ILE A 327 1.55 19.72 4.17
CA ILE A 327 0.84 18.48 4.01
C ILE A 327 0.18 18.15 5.33
N PHE A 328 -1.13 18.00 5.29
CA PHE A 328 -1.93 17.48 6.42
C PHE A 328 -2.23 16.03 6.11
N VAL A 329 -1.72 15.16 6.95
CA VAL A 329 -1.66 13.75 6.65
C VAL A 329 -1.83 12.94 7.93
N GLY A 330 -2.65 11.89 7.84
CA GLY A 330 -2.87 10.96 8.95
C GLY A 330 -2.08 9.66 8.76
N ASP A 331 -1.86 8.91 9.84
CA ASP A 331 -1.23 7.59 9.73
C ASP A 331 -2.24 6.41 9.52
N HIS A 332 -3.44 6.46 10.10
CA HIS A 332 -4.50 5.39 10.01
C HIS A 332 -5.78 5.96 10.63
N GLY A 333 -6.91 5.23 10.51
CA GLY A 333 -8.18 5.66 11.10
C GLY A 333 -8.32 5.00 12.49
N MET A 334 -9.57 4.69 12.82
CA MET A 334 -9.93 4.18 14.17
C MET A 334 -11.30 3.51 14.02
N GLU A 335 -11.44 2.36 14.67
CA GLU A 335 -12.64 1.52 14.58
C GLU A 335 -13.23 1.33 15.97
N ASP A 336 -14.51 0.98 16.04
CA ASP A 336 -15.13 0.65 17.36
C ASP A 336 -14.71 -0.73 17.71
N VAL A 337 -14.10 -0.87 18.89
CA VAL A 337 -13.54 -2.15 19.37
C VAL A 337 -13.71 -2.09 20.89
N THR A 338 -14.32 -3.11 21.49
CA THR A 338 -14.49 -3.22 22.96
C THR A 338 -14.01 -4.57 23.56
N CYS A 339 -13.73 -4.59 24.87
CA CYS A 339 -13.21 -5.80 25.58
C CYS A 339 -14.05 -7.03 25.36
N ASP A 340 -15.35 -6.85 25.28
CA ASP A 340 -16.19 -8.00 25.08
C ASP A 340 -16.13 -8.58 23.67
N ARG A 341 -15.45 -7.88 22.73
CA ARG A 341 -15.27 -8.46 21.39
C ARG A 341 -13.85 -8.95 21.23
N THR A 342 -13.50 -9.93 22.07
CA THR A 342 -12.20 -10.54 22.03
C THR A 342 -12.39 -12.04 21.81
N GLU A 343 -11.58 -12.63 20.94
CA GLU A 343 -11.52 -14.08 20.74
C GLU A 343 -10.34 -14.55 21.53
N PHE A 344 -10.48 -15.71 22.20
CA PHE A 344 -9.39 -16.28 23.01
C PHE A 344 -8.79 -17.54 22.43
N LEU A 345 -7.47 -17.57 22.22
CA LEU A 345 -6.88 -18.80 21.67
C LEU A 345 -7.05 -20.02 22.63
N SER A 346 -7.32 -19.74 23.90
CA SER A 346 -7.51 -20.80 24.88
C SER A 346 -8.84 -21.50 24.58
N ASN A 347 -9.78 -20.86 23.88
CA ASN A 347 -10.94 -21.62 23.36
C ASN A 347 -10.73 -22.53 22.11
N TYR A 348 -9.49 -22.62 21.61
CA TYR A 348 -9.20 -23.36 20.41
C TYR A 348 -8.04 -24.32 20.63
N LEU A 349 -6.97 -23.87 21.28
CA LEU A 349 -5.76 -24.66 21.38
C LEU A 349 -5.72 -25.38 22.74
N THR A 350 -5.29 -26.64 22.76
CA THR A 350 -5.15 -27.34 24.05
C THR A 350 -3.83 -26.90 24.71
N ASN A 351 -2.77 -26.90 23.91
CA ASN A 351 -1.42 -26.43 24.26
C ASN A 351 -1.22 -24.89 24.31
N VAL A 352 -2.17 -24.13 24.88
CA VAL A 352 -2.02 -22.66 24.93
C VAL A 352 -0.72 -22.06 25.52
N ASP A 353 0.00 -22.78 26.38
CA ASP A 353 1.18 -22.20 27.07
C ASP A 353 2.46 -22.45 26.31
N ASP A 354 2.38 -23.20 25.22
CA ASP A 354 3.54 -23.47 24.37
C ASP A 354 3.73 -22.37 23.28
N ILE A 355 2.80 -21.43 23.20
CA ILE A 355 2.92 -20.31 22.22
C ILE A 355 3.09 -18.95 22.87
N THR A 356 3.73 -18.06 22.11
CA THR A 356 3.73 -16.62 22.38
C THR A 356 2.82 -16.00 21.31
N LEU A 357 1.89 -15.17 21.76
CA LEU A 357 1.06 -14.40 20.86
C LEU A 357 1.34 -12.90 20.97
N VAL A 358 1.53 -12.26 19.83
CA VAL A 358 1.37 -10.81 19.73
C VAL A 358 -0.11 -10.54 19.47
N PRO A 359 -0.81 -9.88 20.42
CA PRO A 359 -2.24 -9.83 20.41
C PRO A 359 -2.88 -8.52 19.91
N GLY A 360 -4.22 -8.51 19.82
CA GLY A 360 -4.99 -7.28 19.59
C GLY A 360 -5.67 -7.33 18.23
N THR A 361 -5.46 -6.31 17.39
CA THR A 361 -6.17 -6.21 16.09
C THR A 361 -5.52 -7.02 14.97
N LEU A 362 -4.41 -7.71 15.30
CA LEU A 362 -3.76 -8.70 14.47
C LEU A 362 -3.21 -9.75 15.43
N GLY A 363 -2.94 -10.96 14.97
CA GLY A 363 -2.21 -11.93 15.80
C GLY A 363 -0.95 -12.36 15.16
N ARG A 364 0.11 -12.51 15.94
CA ARG A 364 1.30 -13.15 15.41
C ARG A 364 1.79 -14.24 16.40
N ILE A 365 1.98 -15.48 15.92
CA ILE A 365 2.19 -16.61 16.85
C ILE A 365 3.55 -17.21 16.59
N ARG A 366 4.31 -17.45 17.64
CA ARG A 366 5.52 -18.24 17.47
C ARG A 366 5.64 -19.18 18.69
N ALA A 367 6.64 -20.09 18.69
CA ALA A 367 6.81 -21.03 19.82
C ALA A 367 7.29 -20.24 21.03
N LYS A 368 6.80 -20.57 22.21
CA LYS A 368 7.34 -19.97 23.46
C LYS A 368 8.84 -20.31 23.71
N SER A 369 9.25 -21.52 23.36
CA SER A 369 10.65 -21.90 23.49
C SER A 369 11.20 -22.65 22.23
N ILE A 370 12.40 -22.28 21.75
CA ILE A 370 12.98 -22.92 20.54
C ILE A 370 13.52 -24.33 20.83
N ASN A 371 13.62 -24.65 22.14
CA ASN A 371 14.06 -25.97 22.60
C ASN A 371 12.93 -27.00 22.64
N ASN A 372 11.70 -26.54 22.39
CA ASN A 372 10.54 -27.43 22.31
C ASN A 372 10.36 -28.03 20.89
N SER A 373 10.77 -29.27 20.72
CA SER A 373 10.71 -29.92 19.40
C SER A 373 9.33 -30.55 19.10
N LYS A 374 8.47 -30.57 20.11
CA LYS A 374 7.07 -30.98 19.94
C LYS A 374 6.18 -29.86 19.37
N TYR A 375 6.74 -28.65 19.24
CA TYR A 375 6.05 -27.53 18.58
C TYR A 375 5.85 -27.78 17.08
N ASP A 376 4.62 -27.49 16.61
CA ASP A 376 4.23 -27.74 15.20
C ASP A 376 3.20 -26.70 14.69
N PRO A 377 3.63 -25.84 13.74
CA PRO A 377 2.70 -24.84 13.21
C PRO A 377 1.49 -25.44 12.49
N LYS A 378 1.64 -26.62 11.88
CA LYS A 378 0.52 -27.19 11.13
C LYS A 378 -0.64 -27.54 12.04
N THR A 379 -0.36 -28.11 13.20
CA THR A 379 -1.46 -28.41 14.08
C THR A 379 -2.01 -27.18 14.76
N ILE A 380 -1.18 -26.13 14.97
CA ILE A 380 -1.75 -24.86 15.47
C ILE A 380 -2.73 -24.28 14.44
N ILE A 381 -2.28 -24.13 13.19
CA ILE A 381 -3.17 -23.59 12.15
C ILE A 381 -4.48 -24.35 12.05
N ALA A 382 -4.38 -25.68 12.05
CA ALA A 382 -5.57 -26.51 11.88
C ALA A 382 -6.57 -26.34 13.05
N ALA A 383 -6.05 -26.23 14.27
CA ALA A 383 -6.91 -25.97 15.44
C ALA A 383 -7.59 -24.59 15.37
N LEU A 384 -7.05 -23.69 14.54
CA LEU A 384 -7.57 -22.31 14.48
C LEU A 384 -8.46 -22.11 13.26
N THR A 385 -8.57 -23.13 12.41
CA THR A 385 -9.28 -22.99 11.14
C THR A 385 -10.71 -23.39 11.13
N CYS A 386 -11.57 -22.41 10.84
CA CYS A 386 -13.00 -22.60 10.70
C CYS A 386 -13.66 -23.42 11.83
N LYS A 387 -13.29 -23.10 13.07
CA LYS A 387 -13.65 -23.91 14.22
C LYS A 387 -14.95 -23.55 14.90
N LYS A 388 -15.40 -22.31 14.73
CA LYS A 388 -16.66 -21.81 15.28
C LYS A 388 -17.37 -21.07 14.14
N PRO A 389 -18.73 -21.10 14.11
CA PRO A 389 -19.54 -20.55 13.01
C PRO A 389 -19.27 -19.07 12.76
N ASP A 390 -19.04 -18.32 13.82
CA ASP A 390 -18.92 -16.88 13.71
C ASP A 390 -17.48 -16.38 13.86
N GLN A 391 -16.52 -17.29 13.83
CA GLN A 391 -15.14 -17.06 14.22
C GLN A 391 -14.67 -15.70 13.64
N HIS A 392 -14.15 -14.80 14.48
CA HIS A 392 -13.75 -13.41 14.06
C HIS A 392 -12.26 -13.19 13.78
N PHE A 393 -11.56 -14.26 13.46
CA PHE A 393 -10.23 -14.10 12.95
C PHE A 393 -9.99 -15.29 12.01
N LYS A 394 -9.00 -15.15 11.14
CA LYS A 394 -8.61 -16.26 10.24
C LYS A 394 -7.13 -16.44 10.31
N PRO A 395 -6.66 -17.68 10.49
CA PRO A 395 -5.23 -17.96 10.56
C PRO A 395 -4.62 -18.10 9.18
N TYR A 396 -3.38 -17.64 9.02
CA TYR A 396 -2.66 -17.85 7.78
C TYR A 396 -1.24 -18.14 8.07
N MET A 397 -0.62 -18.97 7.24
CA MET A 397 0.85 -18.94 7.20
C MET A 397 1.13 -17.62 6.43
N LYS A 398 2.15 -16.88 6.85
CA LYS A 398 2.38 -15.52 6.33
C LYS A 398 2.46 -15.48 4.79
N GLN A 399 3.09 -16.48 4.18
CA GLN A 399 3.13 -16.55 2.73
C GLN A 399 1.75 -16.67 2.02
N HIS A 400 0.71 -17.09 2.73
CA HIS A 400 -0.61 -17.18 2.14
C HIS A 400 -1.47 -15.94 2.42
N LEU A 401 -0.93 -14.97 3.14
CA LEU A 401 -1.69 -13.69 3.26
C LEU A 401 -1.89 -13.09 1.84
N PRO A 402 -3.01 -12.36 1.56
CA PRO A 402 -3.25 -11.54 0.31
C PRO A 402 -1.97 -10.77 -0.01
N LYS A 403 -1.50 -10.92 -1.23
CA LYS A 403 -0.25 -10.37 -1.64
C LYS A 403 -0.33 -8.82 -1.54
N ARG A 404 -1.52 -8.22 -1.63
CA ARG A 404 -1.65 -6.76 -1.52
C ARG A 404 -1.23 -6.23 -0.16
N LEU A 405 -1.27 -7.08 0.90
CA LEU A 405 -0.72 -6.65 2.22
C LEU A 405 0.82 -6.52 2.28
N HIS A 406 1.52 -7.12 1.32
CA HIS A 406 2.97 -7.18 1.31
C HIS A 406 3.55 -7.39 2.74
N TYR A 407 3.06 -8.42 3.44
CA TYR A 407 3.40 -8.62 4.88
C TYR A 407 3.94 -10.05 5.13
N ALA A 408 5.18 -10.28 4.73
CA ALA A 408 5.80 -11.60 4.86
C ALA A 408 7.26 -11.55 4.88
N ASN A 409 7.91 -10.74 4.02
CA ASN A 409 9.37 -10.86 3.76
C ASN A 409 10.26 -10.13 4.82
N ASN A 410 10.22 -10.62 6.03
CA ASN A 410 11.01 -10.10 7.14
C ASN A 410 11.00 -11.15 8.26
N ARG A 411 12.19 -11.40 8.80
CA ARG A 411 12.39 -12.36 9.89
C ARG A 411 11.66 -11.95 11.13
N ARG A 412 11.19 -10.69 11.22
CA ARG A 412 10.46 -10.24 12.40
C ARG A 412 8.95 -10.52 12.32
N ILE A 413 8.48 -10.99 11.17
CA ILE A 413 7.07 -11.30 10.99
C ILE A 413 6.98 -12.81 11.24
N GLU A 414 6.20 -13.18 12.25
CA GLU A 414 6.07 -14.59 12.65
C GLU A 414 5.35 -15.35 11.54
N ASP A 415 5.79 -16.59 11.28
CA ASP A 415 5.18 -17.45 10.26
C ASP A 415 3.66 -17.60 10.37
N ILE A 416 3.16 -17.64 11.60
CA ILE A 416 1.72 -17.77 11.74
C ILE A 416 1.17 -16.39 11.99
N HIS A 417 0.12 -16.03 11.22
CA HIS A 417 -0.56 -14.75 11.33
C HIS A 417 -2.04 -14.94 11.49
N LEU A 418 -2.69 -14.14 12.34
CA LEU A 418 -4.12 -14.08 12.37
C LEU A 418 -4.63 -12.75 11.85
N LEU A 419 -5.44 -12.78 10.79
CA LEU A 419 -6.16 -11.59 10.35
C LEU A 419 -7.46 -11.47 11.09
N VAL A 420 -7.59 -10.40 11.85
CA VAL A 420 -8.69 -10.26 12.79
C VAL A 420 -9.81 -9.47 12.14
N ASP A 421 -11.08 -9.86 12.30
CA ASP A 421 -12.18 -9.10 11.73
C ASP A 421 -12.25 -7.70 12.34
N ARG A 422 -12.76 -6.73 11.57
CA ARG A 422 -12.85 -5.35 12.06
C ARG A 422 -13.76 -5.36 13.27
N ARG A 423 -13.45 -4.57 14.30
CA ARG A 423 -14.26 -4.47 15.54
C ARG A 423 -13.91 -5.50 16.61
N TRP A 424 -12.96 -6.40 16.31
CA TRP A 424 -12.53 -7.45 17.26
C TRP A 424 -11.07 -7.37 17.66
N HIS A 425 -10.76 -8.04 18.78
CA HIS A 425 -9.41 -8.40 19.18
C HIS A 425 -9.24 -9.90 19.25
N VAL A 426 -7.99 -10.33 19.22
CA VAL A 426 -7.62 -11.69 19.60
C VAL A 426 -6.66 -11.58 20.81
N ALA A 427 -6.84 -12.48 21.81
CA ALA A 427 -5.92 -12.55 22.97
C ALA A 427 -5.63 -14.05 23.27
N ARG A 428 -4.63 -14.34 24.11
CA ARG A 428 -4.25 -15.75 24.32
C ARG A 428 -5.25 -16.45 25.29
N LYS A 429 -5.56 -15.77 26.40
CA LYS A 429 -6.45 -16.32 27.47
C LYS A 429 -7.16 -15.15 28.04
N PRO A 430 -8.43 -15.33 28.52
CA PRO A 430 -9.22 -14.28 29.19
C PRO A 430 -8.46 -13.48 30.25
N LEU A 431 -7.51 -14.09 30.95
CA LEU A 431 -6.80 -13.34 32.02
C LEU A 431 -5.95 -12.17 31.48
N ASP A 432 -5.59 -12.25 30.21
CA ASP A 432 -4.87 -11.19 29.47
C ASP A 432 -5.64 -9.90 29.25
N VAL A 433 -6.97 -10.01 29.14
CA VAL A 433 -7.88 -8.90 29.00
C VAL A 433 -8.19 -8.23 30.37
N TYR A 434 -8.64 -8.99 31.38
CA TYR A 434 -8.97 -8.36 32.67
C TYR A 434 -7.77 -8.09 33.63
N LYS A 435 -6.74 -8.92 33.61
CA LYS A 435 -5.56 -8.72 34.47
C LYS A 435 -4.22 -8.44 33.73
N LYS A 436 -4.27 -7.53 32.75
CA LYS A 436 -3.08 -7.02 32.03
C LYS A 436 -2.76 -5.56 32.43
N CYS A 441 -15.28 -1.78 30.05
CA CYS A 441 -13.99 -2.07 29.46
C CYS A 441 -13.00 -0.88 29.56
N PHE A 442 -11.73 -1.15 29.31
CA PHE A 442 -10.70 -0.12 29.43
C PHE A 442 -10.55 0.82 28.19
N PHE A 443 -11.29 0.55 27.09
CA PHE A 443 -11.09 1.20 25.75
C PHE A 443 -12.27 0.98 24.78
N GLN A 444 -12.44 1.88 23.82
CA GLN A 444 -13.59 1.77 22.94
C GLN A 444 -13.23 1.91 21.48
N GLY A 445 -11.93 2.16 21.18
CA GLY A 445 -11.50 2.27 19.77
C GLY A 445 -10.14 1.59 19.60
N ASP A 446 -9.86 1.06 18.41
CA ASP A 446 -8.50 0.60 18.15
C ASP A 446 -8.34 0.53 16.62
N HIS A 447 -7.12 0.28 16.17
CA HIS A 447 -6.81 0.18 14.75
C HIS A 447 -5.75 -0.85 14.63
N GLY A 448 -5.43 -1.26 13.38
CA GLY A 448 -4.44 -2.32 13.14
C GLY A 448 -4.90 -3.30 12.06
N PHE A 449 -6.21 -3.33 11.85
CA PHE A 449 -6.89 -4.23 10.88
C PHE A 449 -6.39 -4.06 9.41
N ASP A 450 -6.68 -5.06 8.61
CA ASP A 450 -6.55 -5.01 7.13
C ASP A 450 -6.68 -3.57 6.56
N ASN A 451 -5.67 -3.18 5.76
CA ASN A 451 -5.59 -1.78 5.28
C ASN A 451 -6.62 -1.40 4.19
N LYS A 452 -7.41 -2.36 3.74
CA LYS A 452 -8.59 -1.99 2.96
C LYS A 452 -9.88 -1.68 3.71
N VAL A 453 -9.92 -1.93 4.99
CA VAL A 453 -11.08 -1.59 5.83
C VAL A 453 -11.38 -0.12 5.89
N ASN A 454 -12.64 0.25 5.66
CA ASN A 454 -13.01 1.69 5.56
C ASN A 454 -12.61 2.48 6.83
N SER A 455 -12.87 1.90 8.01
CA SER A 455 -12.60 2.61 9.26
C SER A 455 -11.10 2.89 9.49
N MET A 456 -10.23 2.22 8.75
CA MET A 456 -8.77 2.42 8.93
C MET A 456 -8.23 3.47 7.96
N GLN A 457 -9.03 3.86 6.95
CA GLN A 457 -8.60 4.90 6.00
C GLN A 457 -8.31 6.21 6.68
N THR A 458 -7.40 6.99 6.07
CA THR A 458 -6.93 8.19 6.74
C THR A 458 -6.93 9.32 5.70
N VAL A 459 -6.29 10.45 6.02
CA VAL A 459 -6.49 11.65 5.24
C VAL A 459 -5.22 12.12 4.54
N PHE A 460 -5.44 12.90 3.47
CA PHE A 460 -4.37 13.66 2.80
C PHE A 460 -4.88 14.97 2.21
N VAL A 461 -4.17 16.06 2.52
CA VAL A 461 -4.41 17.38 1.93
C VAL A 461 -3.01 17.94 1.66
N GLY A 462 -2.83 18.49 0.47
CA GLY A 462 -1.62 19.32 0.23
C GLY A 462 -2.06 20.73 -0.16
N TYR A 463 -1.38 21.72 0.41
CA TYR A 463 -1.75 23.09 0.17
C TYR A 463 -0.44 23.88 -0.06
N GLY A 464 -0.36 24.64 -1.13
CA GLY A 464 0.86 25.42 -1.29
C GLY A 464 1.10 25.76 -2.75
N PRO A 465 2.19 26.52 -3.03
CA PRO A 465 2.49 26.81 -4.46
C PRO A 465 2.67 25.60 -5.35
N THR A 466 3.14 24.48 -4.79
CA THR A 466 3.52 23.37 -5.66
C THR A 466 2.37 22.40 -5.88
N PHE A 467 1.39 22.42 -4.96
CA PHE A 467 0.13 21.65 -5.13
C PHE A 467 -0.88 22.38 -5.99
N LYS A 468 -1.81 21.60 -6.53
CA LYS A 468 -2.85 22.15 -7.36
C LYS A 468 -3.84 22.93 -6.52
N TYR A 469 -4.62 23.78 -7.22
CA TYR A 469 -5.61 24.64 -6.64
C TYR A 469 -7.02 23.98 -6.73
N ARG A 470 -7.74 23.98 -5.61
CA ARG A 470 -9.10 23.31 -5.47
C ARG A 470 -9.27 22.04 -6.27
N THR A 471 -8.44 21.03 -6.04
CA THR A 471 -8.42 19.87 -6.92
C THR A 471 -8.64 18.68 -6.03
N LYS A 472 -9.56 17.80 -6.40
CA LYS A 472 -9.76 16.53 -5.70
C LYS A 472 -9.02 15.52 -6.55
N VAL A 473 -8.30 14.61 -5.92
CA VAL A 473 -7.59 13.54 -6.60
C VAL A 473 -8.14 12.24 -6.03
N PRO A 474 -8.05 11.12 -6.80
CA PRO A 474 -8.57 9.81 -6.29
C PRO A 474 -7.77 9.32 -5.07
N PRO A 475 -8.38 8.43 -4.23
CA PRO A 475 -7.64 7.79 -3.08
C PRO A 475 -6.34 7.15 -3.60
N PHE A 476 -5.28 7.17 -2.78
CA PHE A 476 -3.99 6.63 -3.18
C PHE A 476 -3.38 6.10 -1.88
N GLU A 477 -2.28 5.36 -2.00
CA GLU A 477 -1.66 4.71 -0.85
C GLU A 477 -0.54 5.54 -0.27
N ASN A 478 -0.41 5.44 1.05
CA ASN A 478 0.62 6.23 1.70
C ASN A 478 2.07 5.96 1.31
N ILE A 479 2.37 4.76 0.78
CA ILE A 479 3.71 4.44 0.26
C ILE A 479 4.12 5.39 -0.89
N GLU A 480 3.15 6.07 -1.52
CA GLU A 480 3.49 6.94 -2.64
C GLU A 480 3.96 8.33 -2.20
N LEU A 481 3.71 8.72 -0.94
CA LEU A 481 4.02 10.13 -0.59
C LEU A 481 5.51 10.46 -0.55
N TYR A 482 6.34 9.49 -0.16
CA TYR A 482 7.75 9.82 -0.02
C TYR A 482 8.33 10.42 -1.29
N ASN A 483 8.05 9.78 -2.44
CA ASN A 483 8.51 10.32 -3.74
C ASN A 483 8.06 11.80 -3.96
N VAL A 484 6.82 12.07 -3.61
CA VAL A 484 6.31 13.43 -3.81
C VAL A 484 6.97 14.42 -2.85
N MET A 485 7.16 14.02 -1.58
CA MET A 485 7.96 14.85 -0.66
C MET A 485 9.35 15.11 -1.18
N CYS A 486 10.01 14.09 -1.76
CA CYS A 486 11.29 14.30 -2.41
C CYS A 486 11.13 15.31 -3.57
N ASP A 487 10.14 15.09 -4.42
CA ASP A 487 9.82 16.03 -5.52
C ASP A 487 9.65 17.47 -4.99
N LEU A 488 8.91 17.64 -3.90
CA LEU A 488 8.68 18.98 -3.36
C LEU A 488 9.90 19.70 -2.89
N LEU A 489 10.94 18.93 -2.60
CA LEU A 489 12.14 19.49 -2.03
C LEU A 489 13.33 19.40 -3.00
N GLY A 490 13.05 18.97 -4.23
CA GLY A 490 14.07 18.74 -5.26
C GLY A 490 15.08 17.64 -4.94
N LEU A 491 14.66 16.59 -4.19
CA LEU A 491 15.53 15.47 -3.80
C LEU A 491 15.39 14.22 -4.70
N LYS A 492 16.45 13.43 -4.85
CA LYS A 492 16.34 12.15 -5.58
C LYS A 492 15.87 11.14 -4.50
N PRO A 493 14.69 10.51 -4.69
CA PRO A 493 14.33 9.54 -3.61
C PRO A 493 15.21 8.32 -3.56
N ALA A 494 15.48 7.82 -2.35
CA ALA A 494 16.08 6.51 -2.21
C ALA A 494 15.10 5.45 -2.79
N PRO A 495 15.62 4.28 -3.20
CA PRO A 495 14.76 3.26 -3.84
C PRO A 495 13.62 2.88 -2.90
N ASN A 496 12.38 2.90 -3.39
CA ASN A 496 11.26 2.68 -2.45
C ASN A 496 10.09 2.02 -3.18
N ASN A 497 8.96 1.82 -2.49
CA ASN A 497 7.84 1.04 -3.06
C ASN A 497 6.76 1.87 -3.74
N GLY A 498 6.82 3.20 -3.60
CA GLY A 498 6.05 4.07 -4.50
C GLY A 498 6.35 3.83 -5.99
N THR A 499 5.51 4.38 -6.83
CA THR A 499 5.68 4.27 -8.28
C THR A 499 5.78 5.74 -8.72
N HIS A 500 7.00 6.17 -9.00
CA HIS A 500 7.35 7.58 -9.07
C HIS A 500 6.77 8.14 -10.39
N GLY A 501 5.92 9.14 -10.24
CA GLY A 501 5.09 9.65 -11.35
C GLY A 501 3.61 9.30 -11.16
N SER A 502 3.28 8.31 -10.33
CA SER A 502 1.86 7.95 -10.13
C SER A 502 1.06 9.07 -9.45
N LEU A 503 1.74 9.96 -8.73
CA LEU A 503 1.02 11.09 -8.07
C LEU A 503 1.31 12.47 -8.75
N ASN A 504 1.76 12.47 -10.00
CA ASN A 504 2.03 13.74 -10.67
C ASN A 504 0.77 14.61 -10.77
N HIS A 505 -0.38 13.98 -10.92
CA HIS A 505 -1.61 14.74 -10.95
C HIS A 505 -1.91 15.55 -9.67
N LEU A 506 -1.15 15.38 -8.57
CA LEU A 506 -1.38 16.23 -7.36
C LEU A 506 -0.64 17.58 -7.51
N LEU A 507 0.26 17.66 -8.49
CA LEU A 507 1.23 18.76 -8.48
C LEU A 507 1.01 19.76 -9.59
N ARG A 508 1.10 21.06 -9.23
CA ARG A 508 1.15 22.12 -10.26
C ARG A 508 2.46 22.05 -11.05
N THR A 509 3.59 21.87 -10.38
CA THR A 509 4.90 21.84 -11.06
C THR A 509 5.74 20.81 -10.29
N ASN A 510 7.05 20.76 -10.55
CA ASN A 510 8.01 19.78 -9.97
C ASN A 510 7.62 18.34 -10.36
N THR A 511 6.82 18.19 -11.43
CA THR A 511 6.46 16.82 -11.80
C THR A 511 7.74 15.97 -12.15
N PHE A 512 7.63 14.65 -12.05
CA PHE A 512 8.81 13.81 -12.30
C PHE A 512 8.39 13.11 -13.52
N ARG A 513 9.21 13.19 -14.57
CA ARG A 513 8.71 12.62 -15.83
C ARG A 513 9.38 11.30 -16.13
N PRO A 514 8.74 10.19 -15.72
CA PRO A 514 9.42 8.93 -15.98
C PRO A 514 9.23 8.47 -17.41
N THR A 515 10.15 7.62 -17.83
CA THR A 515 10.09 6.96 -19.08
C THR A 515 9.72 5.48 -18.81
N MET A 516 9.10 4.84 -19.78
CA MET A 516 8.75 3.45 -19.66
C MET A 516 10.05 2.64 -19.59
N PRO A 517 10.06 1.55 -18.81
CA PRO A 517 11.30 0.72 -18.87
C PRO A 517 11.52 0.02 -20.23
N ASP A 518 12.79 -0.13 -20.61
CA ASP A 518 13.09 -0.80 -21.86
C ASP A 518 12.72 -2.28 -21.78
N GLU A 519 12.12 -2.84 -22.84
CA GLU A 519 11.96 -4.30 -22.92
C GLU A 519 13.34 -4.93 -22.92
N VAL A 520 13.53 -6.01 -22.18
CA VAL A 520 14.85 -6.69 -22.11
C VAL A 520 14.92 -7.89 -23.02
N SER A 521 13.86 -8.71 -23.08
CA SER A 521 13.81 -9.83 -24.05
C SER A 521 12.80 -9.61 -25.14
N ARG A 522 13.24 -9.77 -26.38
CA ARG A 522 12.29 -9.76 -27.50
C ARG A 522 11.72 -11.14 -27.80
N PRO A 523 10.42 -11.20 -28.15
CA PRO A 523 9.82 -12.50 -28.40
C PRO A 523 10.29 -13.12 -29.70
N ASN A 524 10.19 -14.45 -29.80
CA ASN A 524 10.14 -15.12 -31.14
C ASN A 524 8.71 -15.23 -31.62
N TYR A 525 8.54 -15.29 -32.95
CA TYR A 525 7.27 -15.47 -33.61
C TYR A 525 7.32 -16.81 -34.38
N PRO A 526 7.18 -17.94 -33.65
CA PRO A 526 7.24 -19.25 -34.33
C PRO A 526 6.14 -19.54 -35.32
N GLY A 527 6.52 -20.04 -36.50
CA GLY A 527 5.52 -20.56 -37.44
C GLY A 527 5.39 -22.09 -37.23
N ILE A 528 4.73 -22.77 -38.16
CA ILE A 528 4.50 -24.21 -38.00
C ILE A 528 5.82 -24.97 -38.29
N MET A 529 6.30 -25.72 -37.29
CA MET A 529 7.66 -26.25 -37.39
C MET A 529 7.80 -27.74 -37.07
N TYR A 530 6.73 -28.32 -36.53
CA TYR A 530 6.69 -29.68 -35.98
C TYR A 530 5.52 -30.43 -36.52
N LEU A 531 5.77 -31.69 -36.85
CA LEU A 531 4.68 -32.57 -37.20
C LEU A 531 4.10 -33.21 -35.91
N GLN A 532 2.82 -33.51 -35.91
CA GLN A 532 2.13 -34.13 -34.80
C GLN A 532 2.86 -35.33 -34.22
N SER A 533 3.37 -36.20 -35.08
CA SER A 533 4.01 -37.44 -34.57
C SER A 533 5.35 -37.22 -33.89
N GLU A 534 5.88 -36.01 -33.93
CA GLU A 534 7.09 -35.72 -33.19
C GLU A 534 6.83 -35.59 -31.69
N PHE A 535 5.59 -35.51 -31.28
CA PHE A 535 5.25 -35.28 -29.87
C PHE A 535 4.91 -36.60 -29.19
N ASP A 536 5.49 -36.84 -28.03
CA ASP A 536 5.15 -38.02 -27.27
C ASP A 536 4.72 -37.54 -25.87
N LEU A 537 3.54 -36.96 -25.75
CA LEU A 537 3.20 -36.29 -24.52
C LEU A 537 2.17 -37.04 -23.72
N GLY A 538 1.64 -38.14 -24.26
CA GLY A 538 0.65 -38.90 -23.53
C GLY A 538 -0.69 -38.18 -23.54
N CYS A 539 -0.85 -37.20 -24.42
CA CYS A 539 -2.10 -36.43 -24.55
C CYS A 539 -2.88 -37.01 -25.67
N THR A 540 -4.21 -36.91 -25.59
CA THR A 540 -5.08 -37.28 -26.71
C THR A 540 -6.11 -36.18 -26.91
N CYS A 541 -6.64 -36.11 -28.12
CA CYS A 541 -7.77 -35.25 -28.35
C CYS A 541 -8.59 -35.87 -29.45
N ASP A 542 -9.90 -35.94 -29.20
CA ASP A 542 -10.87 -36.31 -30.23
C ASP A 542 -11.03 -35.16 -31.25
N ASP A 543 -9.99 -34.94 -32.06
CA ASP A 543 -10.01 -33.80 -32.98
C ASP A 543 -9.82 -34.10 -34.47
N LYS A 544 -9.55 -35.38 -34.82
CA LYS A 544 -9.32 -35.80 -36.23
C LYS A 544 -10.55 -35.54 -37.16
N VAL A 545 -11.35 -34.53 -36.82
CA VAL A 545 -12.60 -34.23 -37.54
C VAL A 545 -12.39 -33.00 -38.46
N GLU A 546 -12.41 -33.23 -39.78
CA GLU A 546 -12.29 -32.18 -40.81
C GLU A 546 -12.31 -32.75 -42.22
N ASN A 549 -11.72 -26.32 -49.81
CA ASN A 549 -11.89 -25.20 -48.91
C ASN A 549 -10.61 -24.36 -48.80
N LYS A 550 -10.76 -23.06 -49.00
CA LYS A 550 -9.77 -22.04 -48.65
C LYS A 550 -10.54 -20.90 -48.00
N LEU A 551 -11.88 -20.99 -48.05
CA LEU A 551 -12.80 -20.11 -47.30
C LEU A 551 -12.46 -20.15 -45.79
N GLU A 552 -12.58 -21.36 -45.23
CA GLU A 552 -12.32 -21.62 -43.82
C GLU A 552 -10.86 -22.08 -43.54
N GLU A 553 -10.02 -22.05 -44.59
CA GLU A 553 -8.61 -22.46 -44.48
C GLU A 553 -7.61 -21.30 -44.60
N LEU A 554 -7.92 -20.31 -45.44
CA LEU A 554 -7.11 -19.06 -45.51
C LEU A 554 -7.33 -18.28 -44.21
N ASN A 555 -8.56 -18.36 -43.71
CA ASN A 555 -9.03 -17.71 -42.48
C ASN A 555 -8.29 -18.14 -41.21
N LYS A 556 -8.03 -19.45 -41.10
CA LYS A 556 -7.29 -20.00 -39.96
C LYS A 556 -5.80 -19.58 -39.97
N ARG A 557 -5.16 -19.66 -41.14
CA ARG A 557 -3.82 -19.06 -41.33
C ARG A 557 -3.77 -17.59 -40.89
N LEU A 558 -4.81 -16.81 -41.25
CA LEU A 558 -4.85 -15.37 -40.92
C LEU A 558 -4.78 -15.24 -39.40
N HIS A 559 -5.56 -16.07 -38.68
CA HIS A 559 -5.70 -15.99 -37.23
C HIS A 559 -4.41 -16.36 -36.47
N THR A 560 -3.63 -17.30 -37.02
CA THR A 560 -2.35 -17.77 -36.43
C THR A 560 -1.22 -16.78 -36.70
N LYS A 561 -1.41 -15.91 -37.70
CA LYS A 561 -0.45 -14.82 -38.01
C LYS A 561 -0.74 -13.52 -37.23
N GLY A 562 -1.87 -13.45 -36.52
CA GLY A 562 -2.17 -12.28 -35.71
C GLY A 562 -3.31 -11.41 -36.21
N SER A 563 -4.10 -11.91 -37.16
CA SER A 563 -5.13 -11.07 -37.79
C SER A 563 -6.19 -10.47 -36.85
N THR A 564 -6.47 -11.13 -35.72
CA THR A 564 -7.43 -10.61 -34.74
C THR A 564 -6.71 -10.00 -33.52
N LYS A 565 -5.39 -9.79 -33.64
CA LYS A 565 -4.59 -9.39 -32.49
C LYS A 565 -5.00 -8.04 -31.87
N GLU A 566 -5.53 -7.13 -32.68
CA GLU A 566 -5.95 -5.84 -32.11
C GLU A 566 -7.29 -5.92 -31.37
N ARG A 567 -8.03 -7.02 -31.54
CA ARG A 567 -9.21 -7.23 -30.71
C ARG A 567 -8.74 -7.69 -29.31
N HIS A 568 -7.71 -8.56 -29.26
CA HIS A 568 -7.40 -9.30 -28.00
C HIS A 568 -6.27 -8.72 -27.23
N LEU A 569 -5.46 -7.97 -27.90
CA LEU A 569 -4.33 -7.27 -27.28
C LEU A 569 -4.54 -5.76 -27.43
N LEU A 570 -5.29 -5.21 -26.50
CA LEU A 570 -5.77 -3.82 -26.61
C LEU A 570 -4.76 -2.74 -26.21
N TYR A 571 -3.73 -3.09 -25.44
CA TYR A 571 -2.80 -2.09 -24.89
C TYR A 571 -1.35 -2.40 -25.20
N GLY A 572 -1.14 -3.16 -26.28
CA GLY A 572 0.19 -3.61 -26.72
C GLY A 572 0.57 -4.86 -25.98
N ARG A 573 1.59 -5.58 -26.45
CA ARG A 573 2.08 -6.73 -25.69
C ARG A 573 2.77 -6.23 -24.40
N PRO A 574 2.64 -6.99 -23.30
CA PRO A 574 3.36 -6.67 -22.09
C PRO A 574 4.83 -6.73 -22.43
N ALA A 575 5.66 -5.86 -21.83
CA ALA A 575 7.10 -6.06 -22.06
C ALA A 575 7.74 -6.95 -20.98
N VAL A 576 8.68 -7.81 -21.40
CA VAL A 576 9.50 -8.67 -20.50
C VAL A 576 10.76 -7.94 -20.09
N LEU A 577 10.87 -7.66 -18.80
CA LEU A 577 11.92 -6.80 -18.30
C LEU A 577 13.04 -7.64 -17.68
N TYR A 578 13.17 -8.89 -18.07
CA TYR A 578 14.36 -9.67 -17.64
C TYR A 578 14.71 -10.57 -18.81
N ARG A 579 15.83 -11.26 -18.68
CA ARG A 579 16.43 -12.01 -19.79
C ARG A 579 15.82 -13.43 -19.86
N THR A 580 15.13 -13.71 -20.93
CA THR A 580 14.45 -15.03 -21.00
C THR A 580 14.14 -15.44 -22.46
N SER A 581 13.56 -16.59 -22.65
CA SER A 581 13.36 -17.03 -23.97
C SER A 581 11.87 -17.29 -24.12
N TYR A 582 11.15 -16.55 -24.97
CA TYR A 582 9.69 -16.78 -25.02
C TYR A 582 9.13 -16.52 -26.41
N ASP A 583 7.94 -17.03 -26.67
CA ASP A 583 7.34 -17.00 -28.00
C ASP A 583 6.01 -16.28 -27.97
N ILE A 584 5.73 -15.38 -28.93
CA ILE A 584 4.32 -14.90 -29.10
C ILE A 584 3.51 -15.93 -29.86
N LEU A 585 2.33 -16.30 -29.36
CA LEU A 585 1.47 -17.24 -30.07
C LEU A 585 0.13 -16.59 -30.34
N TYR A 586 -0.27 -16.50 -31.62
CA TYR A 586 -1.61 -15.88 -31.92
C TYR A 586 -2.68 -16.93 -32.13
N HIS A 587 -3.93 -16.61 -31.77
CA HIS A 587 -5.11 -17.47 -31.99
C HIS A 587 -6.31 -16.58 -32.28
N THR A 588 -7.34 -17.15 -32.87
CA THR A 588 -8.56 -16.37 -33.13
C THR A 588 -9.06 -15.60 -31.91
N ASP A 589 -9.09 -16.26 -30.75
CA ASP A 589 -9.73 -15.70 -29.54
C ASP A 589 -8.75 -15.15 -28.47
N PHE A 590 -7.46 -15.42 -28.63
CA PHE A 590 -6.51 -15.03 -27.62
C PHE A 590 -5.08 -15.04 -28.16
N GLU A 591 -4.22 -14.32 -27.47
CA GLU A 591 -2.81 -14.19 -27.78
C GLU A 591 -2.03 -14.47 -26.47
N SER A 592 -0.86 -15.08 -26.60
CA SER A 592 -0.07 -15.41 -25.41
C SER A 592 1.43 -15.17 -25.64
N GLY A 593 2.16 -14.94 -24.54
CA GLY A 593 3.61 -14.94 -24.53
C GLY A 593 4.01 -16.17 -23.75
N TYR A 594 4.48 -17.16 -24.50
CA TYR A 594 4.74 -18.51 -23.98
C TYR A 594 6.21 -18.68 -23.63
N SER A 595 6.48 -18.95 -22.36
CA SER A 595 7.86 -19.05 -21.87
C SER A 595 8.39 -20.45 -22.15
N GLU A 596 9.49 -20.53 -22.88
CA GLU A 596 10.13 -21.80 -23.13
C GLU A 596 10.88 -22.28 -21.90
N ILE A 597 11.08 -21.39 -20.94
CA ILE A 597 11.86 -21.75 -19.76
C ILE A 597 10.90 -22.36 -18.72
N PHE A 598 9.75 -21.74 -18.48
CA PHE A 598 8.77 -22.21 -17.50
C PHE A 598 7.71 -23.12 -18.11
N LEU A 599 7.77 -23.32 -19.42
CA LEU A 599 6.87 -24.22 -20.16
C LEU A 599 5.38 -23.88 -20.11
N MET A 600 5.08 -22.60 -20.09
CA MET A 600 3.69 -22.16 -20.02
C MET A 600 3.68 -20.63 -20.25
N PRO A 601 2.50 -20.06 -20.55
CA PRO A 601 2.47 -18.63 -20.82
C PRO A 601 2.87 -17.81 -19.58
N LEU A 602 3.57 -16.72 -19.84
CA LEU A 602 3.82 -15.68 -18.78
C LEU A 602 2.54 -14.86 -18.70
N TRP A 603 1.83 -14.82 -19.83
CA TRP A 603 0.61 -13.98 -19.92
C TRP A 603 -0.24 -14.53 -21.06
N THR A 604 -1.55 -14.37 -20.90
CA THR A 604 -2.53 -14.79 -21.93
C THR A 604 -3.55 -13.62 -21.96
N SER A 605 -3.77 -13.02 -23.16
CA SER A 605 -4.61 -11.79 -23.35
C SER A 605 -5.84 -12.07 -24.22
N TYR A 606 -7.05 -11.71 -23.76
CA TYR A 606 -8.21 -11.94 -24.59
C TYR A 606 -9.27 -10.91 -24.26
N THR A 607 -10.11 -10.62 -25.26
CA THR A 607 -11.22 -9.64 -25.04
C THR A 607 -12.56 -10.40 -25.18
N ILE A 608 -13.48 -10.12 -24.25
CA ILE A 608 -14.83 -10.68 -24.15
C ILE A 608 -15.80 -9.51 -24.22
N SER A 609 -16.56 -9.46 -25.30
CA SER A 609 -17.44 -8.31 -25.48
C SER A 609 -18.73 -8.59 -24.68
N LYS A 610 -19.52 -7.53 -24.43
CA LYS A 610 -20.82 -7.64 -23.75
C LYS A 610 -21.73 -8.69 -24.39
N GLN A 611 -21.62 -8.79 -25.72
CA GLN A 611 -22.40 -9.70 -26.54
C GLN A 611 -21.95 -11.18 -26.46
N ALA A 612 -20.75 -11.43 -25.95
CA ALA A 612 -20.17 -12.77 -26.01
C ALA A 612 -21.04 -13.83 -25.35
N GLU A 613 -20.99 -15.03 -25.90
CA GLU A 613 -21.73 -16.14 -25.32
C GLU A 613 -20.84 -17.21 -24.70
N VAL A 614 -21.31 -17.74 -23.58
CA VAL A 614 -20.65 -18.80 -22.84
C VAL A 614 -21.23 -20.12 -23.38
N SER A 615 -20.33 -21.06 -23.68
CA SER A 615 -20.70 -22.40 -24.13
C SER A 615 -20.02 -23.40 -23.19
N SER A 616 -20.46 -24.67 -23.19
CA SER A 616 -19.81 -25.66 -22.35
C SER A 616 -18.70 -26.33 -23.15
N ILE A 617 -17.82 -27.06 -22.47
CA ILE A 617 -16.89 -27.97 -23.14
C ILE A 617 -17.72 -29.17 -23.68
N PRO A 618 -17.76 -29.36 -25.01
CA PRO A 618 -18.43 -30.56 -25.58
C PRO A 618 -17.99 -31.84 -24.88
N GLU A 619 -18.92 -32.80 -24.77
CA GLU A 619 -18.67 -34.09 -24.10
C GLU A 619 -17.39 -34.75 -24.61
N HIS A 620 -17.25 -34.89 -25.93
CA HIS A 620 -16.12 -35.61 -26.56
C HIS A 620 -14.75 -34.93 -26.28
N LEU A 621 -14.82 -33.63 -25.97
CA LEU A 621 -13.58 -32.88 -25.78
C LEU A 621 -13.18 -32.68 -24.28
N THR A 622 -13.80 -33.42 -23.36
CA THR A 622 -13.52 -33.20 -21.92
C THR A 622 -12.04 -33.36 -21.55
N ASN A 623 -11.36 -34.40 -22.04
CA ASN A 623 -9.93 -34.56 -21.69
C ASN A 623 -8.97 -34.17 -22.79
N CYS A 624 -9.47 -33.49 -23.82
CA CYS A 624 -8.65 -33.11 -24.98
C CYS A 624 -7.45 -32.17 -24.61
N VAL A 625 -6.22 -32.59 -24.93
CA VAL A 625 -5.04 -31.70 -24.98
C VAL A 625 -4.31 -31.91 -26.31
N ARG A 626 -3.92 -30.83 -27.01
CA ARG A 626 -3.39 -30.90 -28.38
C ARG A 626 -1.94 -30.34 -28.45
N PRO A 627 -1.05 -31.10 -29.06
CA PRO A 627 0.29 -30.56 -29.29
C PRO A 627 0.19 -29.29 -30.14
N ASP A 628 1.09 -28.33 -29.88
CA ASP A 628 1.11 -27.05 -30.55
C ASP A 628 2.26 -27.15 -31.56
N VAL A 629 1.95 -27.20 -32.84
CA VAL A 629 2.98 -27.46 -33.88
C VAL A 629 3.93 -26.29 -34.13
N ARG A 630 3.71 -25.15 -33.42
CA ARG A 630 4.69 -24.06 -33.42
C ARG A 630 5.76 -24.24 -32.36
N VAL A 631 5.58 -25.19 -31.45
CA VAL A 631 6.49 -25.21 -30.28
C VAL A 631 7.09 -26.59 -30.08
N SER A 632 8.41 -26.71 -29.89
CA SER A 632 9.07 -28.01 -29.89
C SER A 632 8.51 -28.97 -28.80
N PRO A 633 8.48 -30.30 -29.05
CA PRO A 633 8.18 -31.16 -27.91
C PRO A 633 9.02 -30.86 -26.66
N GLY A 634 10.32 -30.60 -26.82
CA GLY A 634 11.22 -30.34 -25.70
C GLY A 634 10.86 -29.08 -24.87
N PHE A 635 10.17 -28.11 -25.47
CA PHE A 635 9.66 -26.92 -24.77
C PHE A 635 8.17 -26.97 -24.45
N SER A 636 7.58 -28.18 -24.43
CA SER A 636 6.14 -28.35 -24.14
C SER A 636 5.93 -29.10 -22.82
N GLN A 637 4.80 -28.87 -22.16
CA GLN A 637 4.36 -29.79 -21.11
C GLN A 637 3.95 -31.19 -21.69
N ASN A 638 3.61 -32.14 -20.84
CA ASN A 638 3.08 -33.44 -21.28
C ASN A 638 1.99 -33.89 -20.32
N CYS A 639 1.10 -34.75 -20.80
CA CYS A 639 -0.13 -35.14 -20.05
C CYS A 639 0.17 -36.27 -19.09
N LEU A 640 1.24 -37.00 -19.38
CA LEU A 640 1.70 -38.11 -18.57
C LEU A 640 2.03 -37.64 -17.16
N ALA A 641 2.83 -36.58 -17.05
CA ALA A 641 3.18 -36.01 -15.77
C ALA A 641 1.96 -35.71 -14.92
N TYR A 642 0.90 -35.14 -15.51
CA TYR A 642 -0.31 -34.87 -14.80
C TYR A 642 -1.01 -36.16 -14.42
N LYS A 643 -1.01 -37.15 -15.30
CA LYS A 643 -1.50 -38.49 -14.92
C LYS A 643 -0.76 -39.09 -13.72
N ASN A 644 0.57 -39.12 -13.79
CA ASN A 644 1.40 -39.64 -12.70
C ASN A 644 1.33 -38.81 -11.44
N ASP A 645 1.07 -37.50 -11.56
CA ASP A 645 1.02 -36.66 -10.35
C ASP A 645 -0.34 -36.72 -9.71
N LYS A 646 -0.44 -37.43 -8.60
CA LYS A 646 -1.75 -37.71 -8.00
C LYS A 646 -2.43 -36.50 -7.33
N GLN A 647 -1.63 -35.48 -7.05
CA GLN A 647 -2.05 -34.26 -6.40
C GLN A 647 -2.44 -33.13 -7.38
N MET A 648 -1.82 -33.12 -8.56
CA MET A 648 -1.91 -31.97 -9.47
C MET A 648 -2.72 -32.28 -10.71
N SER A 649 -3.63 -31.39 -11.11
CA SER A 649 -4.42 -31.52 -12.36
C SER A 649 -4.00 -30.30 -13.22
N TYR A 650 -4.81 -29.85 -14.16
CA TYR A 650 -4.39 -28.74 -15.03
C TYR A 650 -5.62 -27.95 -15.40
N GLY A 651 -5.39 -26.69 -15.74
CA GLY A 651 -6.47 -25.83 -16.20
C GLY A 651 -5.90 -25.10 -17.43
N PHE A 652 -6.65 -24.16 -17.94
CA PHE A 652 -6.27 -23.41 -19.14
C PHE A 652 -6.36 -21.92 -18.85
N LEU A 653 -5.45 -21.16 -19.44
CA LEU A 653 -5.43 -19.70 -19.21
C LEU A 653 -6.52 -19.00 -20.01
N PHE A 654 -6.59 -19.25 -21.32
CA PHE A 654 -7.77 -18.80 -22.09
C PHE A 654 -8.88 -19.85 -21.90
N PRO A 655 -10.07 -19.45 -21.44
CA PRO A 655 -11.04 -20.46 -21.00
C PRO A 655 -11.78 -21.09 -22.23
N PRO A 656 -11.77 -22.43 -22.35
CA PRO A 656 -12.56 -23.04 -23.43
C PRO A 656 -14.03 -22.60 -23.48
N TYR A 657 -14.63 -22.23 -22.33
CA TYR A 657 -16.04 -21.77 -22.30
C TYR A 657 -16.30 -20.50 -23.07
N LEU A 658 -15.28 -19.72 -23.37
CA LEU A 658 -15.53 -18.47 -24.03
C LEU A 658 -15.11 -18.41 -25.53
N SER A 659 -14.75 -19.56 -26.08
CA SER A 659 -14.43 -19.73 -27.49
C SER A 659 -15.48 -19.07 -28.41
N SER A 660 -15.04 -18.48 -29.51
CA SER A 660 -15.98 -17.70 -30.33
C SER A 660 -16.80 -18.64 -31.25
N SER A 661 -16.31 -19.85 -31.47
CA SER A 661 -16.95 -20.84 -32.36
C SER A 661 -16.47 -22.23 -31.99
N PRO A 662 -17.27 -23.27 -32.36
CA PRO A 662 -16.79 -24.61 -32.16
C PRO A 662 -15.38 -24.87 -32.69
N GLU A 663 -15.06 -24.35 -33.88
CA GLU A 663 -13.72 -24.56 -34.42
C GLU A 663 -12.63 -23.81 -33.60
N ALA A 664 -12.89 -22.56 -33.24
CA ALA A 664 -11.92 -21.80 -32.42
C ALA A 664 -11.63 -22.51 -31.09
N LYS A 665 -12.59 -23.31 -30.63
CA LYS A 665 -12.51 -23.94 -29.33
C LYS A 665 -11.32 -24.89 -29.25
N TYR A 666 -10.97 -25.56 -30.36
CA TYR A 666 -9.79 -26.42 -30.43
C TYR A 666 -8.52 -25.72 -29.99
N ASP A 667 -8.40 -24.43 -30.31
CA ASP A 667 -7.22 -23.64 -29.90
C ASP A 667 -7.06 -23.62 -28.39
N ALA A 668 -8.19 -23.61 -27.68
CA ALA A 668 -8.11 -23.46 -26.20
C ALA A 668 -7.54 -24.74 -25.55
N PHE A 669 -7.55 -25.88 -26.25
CA PHE A 669 -6.98 -27.14 -25.71
C PHE A 669 -5.52 -27.41 -26.09
N LEU A 670 -4.87 -26.44 -26.68
CA LEU A 670 -3.46 -26.60 -26.97
C LEU A 670 -2.66 -26.71 -25.69
N VAL A 671 -1.62 -27.49 -25.80
CA VAL A 671 -0.72 -27.82 -24.68
C VAL A 671 -0.02 -26.55 -24.15
N THR A 672 0.01 -25.52 -25.00
CA THR A 672 0.69 -24.29 -24.72
C THR A 672 -0.24 -23.32 -24.02
N ASN A 673 -1.52 -23.70 -23.83
CA ASN A 673 -2.46 -22.88 -23.07
C ASN A 673 -2.73 -23.54 -21.68
N MET A 674 -2.10 -24.67 -21.43
CA MET A 674 -2.33 -25.45 -20.19
C MET A 674 -1.42 -24.98 -19.04
N VAL A 675 -1.94 -25.05 -17.81
CA VAL A 675 -1.19 -24.63 -16.59
C VAL A 675 -1.50 -25.59 -15.45
N PRO A 676 -0.51 -25.87 -14.58
CA PRO A 676 -0.78 -26.85 -13.51
C PRO A 676 -1.75 -26.28 -12.44
N MET A 677 -2.77 -27.06 -12.07
CA MET A 677 -3.73 -26.64 -11.06
C MET A 677 -4.18 -27.78 -10.15
N TYR A 678 -4.16 -27.50 -8.87
CA TYR A 678 -4.74 -28.42 -7.88
C TYR A 678 -6.21 -28.46 -8.11
N PRO A 679 -6.83 -29.65 -7.99
CA PRO A 679 -8.29 -29.78 -8.15
C PRO A 679 -9.04 -28.74 -7.28
N ALA A 680 -8.57 -28.54 -6.05
CA ALA A 680 -9.23 -27.59 -5.14
C ALA A 680 -9.23 -26.20 -5.79
N PHE A 681 -8.09 -25.85 -6.37
CA PHE A 681 -8.01 -24.55 -7.04
C PHE A 681 -8.78 -24.49 -8.36
N LYS A 682 -8.94 -25.62 -9.06
CA LYS A 682 -9.78 -25.64 -10.26
C LYS A 682 -11.22 -25.29 -9.97
N ARG A 683 -11.70 -25.60 -8.78
CA ARG A 683 -13.01 -25.10 -8.43
C ARG A 683 -13.13 -23.57 -8.51
N VAL A 684 -12.13 -22.84 -7.96
CA VAL A 684 -12.11 -21.37 -7.99
C VAL A 684 -11.95 -20.84 -9.45
N TRP A 685 -10.95 -21.35 -10.13
CA TRP A 685 -10.60 -20.93 -11.51
C TRP A 685 -11.77 -21.11 -12.50
N ALA A 686 -12.38 -22.28 -12.44
CA ALA A 686 -13.53 -22.60 -13.33
C ALA A 686 -14.70 -21.66 -13.16
N TYR A 687 -14.98 -21.31 -11.92
CA TYR A 687 -16.09 -20.44 -11.65
C TYR A 687 -15.75 -19.05 -12.12
N PHE A 688 -14.50 -18.63 -11.89
CA PHE A 688 -14.05 -17.34 -12.44
C PHE A 688 -14.24 -17.34 -13.95
N GLN A 689 -13.81 -18.40 -14.61
CA GLN A 689 -13.78 -18.36 -16.09
C GLN A 689 -15.14 -18.57 -16.74
N ARG A 690 -15.98 -19.42 -16.13
CA ARG A 690 -17.30 -19.84 -16.65
C ARG A 690 -18.38 -18.80 -16.27
N VAL A 691 -18.32 -18.26 -15.06
CA VAL A 691 -19.39 -17.34 -14.59
C VAL A 691 -18.94 -15.86 -14.55
N LEU A 692 -17.81 -15.62 -13.90
CA LEU A 692 -17.45 -14.25 -13.60
C LEU A 692 -16.93 -13.42 -14.76
N VAL A 693 -16.15 -13.96 -15.68
CA VAL A 693 -15.73 -13.13 -16.82
C VAL A 693 -16.94 -12.56 -17.58
N LYS A 694 -17.94 -13.41 -17.80
CA LYS A 694 -19.11 -12.98 -18.58
C LYS A 694 -19.88 -11.94 -17.77
N LYS A 695 -20.08 -12.25 -16.50
CA LYS A 695 -20.67 -11.25 -15.61
C LYS A 695 -19.94 -9.92 -15.69
N TYR A 696 -18.58 -9.94 -15.67
CA TYR A 696 -17.88 -8.64 -15.77
C TYR A 696 -18.08 -7.97 -17.15
N ALA A 697 -18.05 -8.78 -18.20
CA ALA A 697 -18.23 -8.25 -19.54
C ALA A 697 -19.64 -7.60 -19.65
N SER A 698 -20.64 -8.20 -19.01
CA SER A 698 -22.03 -7.65 -18.98
C SER A 698 -22.11 -6.34 -18.24
N GLU A 699 -21.43 -6.23 -17.10
CA GLU A 699 -21.53 -5.03 -16.29
C GLU A 699 -20.66 -3.87 -16.80
N ARG A 700 -19.53 -4.18 -17.44
CA ARG A 700 -18.50 -3.19 -17.76
CA ARG A 700 -18.52 -3.15 -17.75
C ARG A 700 -18.48 -2.84 -19.25
N ASN A 701 -19.37 -3.51 -20.01
CA ASN A 701 -19.48 -3.35 -21.46
C ASN A 701 -18.24 -3.91 -22.18
N GLY A 702 -18.02 -5.21 -21.97
CA GLY A 702 -16.85 -5.88 -22.45
C GLY A 702 -15.69 -5.73 -21.43
N VAL A 703 -14.81 -6.72 -21.43
CA VAL A 703 -13.54 -6.66 -20.62
C VAL A 703 -12.42 -7.29 -21.45
N ASN A 704 -11.22 -6.72 -21.32
CA ASN A 704 -10.03 -7.34 -21.80
C ASN A 704 -9.42 -8.05 -20.57
N VAL A 705 -9.08 -9.31 -20.71
CA VAL A 705 -8.47 -10.04 -19.59
C VAL A 705 -7.01 -10.42 -19.92
N ILE A 706 -6.07 -10.14 -19.00
CA ILE A 706 -4.74 -10.76 -19.05
C ILE A 706 -4.56 -11.63 -17.82
N SER A 707 -4.29 -12.91 -18.05
CA SER A 707 -4.13 -13.88 -16.98
C SER A 707 -2.81 -14.56 -17.11
N GLY A 708 -2.29 -15.05 -15.99
CA GLY A 708 -1.04 -15.82 -16.05
C GLY A 708 -0.66 -16.41 -14.68
N PRO A 709 0.47 -17.08 -14.63
CA PRO A 709 0.94 -17.72 -13.38
C PRO A 709 1.88 -16.74 -12.69
N ILE A 710 2.06 -16.91 -11.37
CA ILE A 710 3.06 -16.17 -10.55
C ILE A 710 3.86 -17.19 -9.73
N PHE A 711 5.19 -17.01 -9.67
CA PHE A 711 6.05 -17.89 -8.84
C PHE A 711 6.71 -16.98 -7.79
N ASP A 712 6.34 -17.13 -6.53
CA ASP A 712 6.98 -16.33 -5.47
C ASP A 712 7.19 -17.26 -4.28
N TYR A 713 8.05 -18.28 -4.46
CA TYR A 713 8.32 -19.21 -3.36
C TYR A 713 9.06 -18.63 -2.15
N ASN A 714 9.81 -17.52 -2.27
CA ASN A 714 10.52 -16.93 -1.11
C ASN A 714 9.72 -15.72 -0.67
N TYR A 715 8.48 -15.65 -1.14
CA TYR A 715 7.49 -14.62 -0.69
C TYR A 715 8.09 -13.22 -0.49
N ASP A 716 8.86 -12.78 -1.47
CA ASP A 716 9.45 -11.41 -1.38
C ASP A 716 8.70 -10.40 -2.27
N GLY A 717 7.57 -10.81 -2.87
CA GLY A 717 6.79 -9.91 -3.75
C GLY A 717 7.36 -9.79 -5.14
N LEU A 718 8.40 -10.55 -5.45
CA LEU A 718 9.15 -10.33 -6.66
C LEU A 718 9.28 -11.63 -7.44
N ARG A 719 9.27 -11.54 -8.76
CA ARG A 719 9.34 -12.72 -9.63
C ARG A 719 10.48 -13.69 -9.21
N ASP A 720 10.18 -14.97 -9.09
CA ASP A 720 11.27 -15.95 -8.85
C ASP A 720 12.05 -16.25 -10.08
N THR A 721 13.36 -16.44 -9.91
CA THR A 721 14.16 -17.02 -10.98
C THR A 721 13.88 -18.55 -10.94
N GLU A 722 14.29 -19.25 -11.98
CA GLU A 722 13.99 -20.66 -12.11
C GLU A 722 14.58 -21.52 -10.99
N ASP A 723 15.73 -21.11 -10.45
CA ASP A 723 16.34 -21.90 -9.36
C ASP A 723 15.75 -21.68 -7.98
N GLU A 724 14.64 -20.93 -7.91
CA GLU A 724 13.90 -20.65 -6.63
C GLU A 724 12.63 -21.46 -6.51
N ILE A 725 12.29 -22.19 -7.59
CA ILE A 725 11.04 -22.98 -7.64
C ILE A 725 11.15 -24.19 -6.74
N LYS A 726 10.31 -24.27 -5.72
CA LYS A 726 10.35 -25.43 -4.80
C LYS A 726 9.46 -26.63 -5.15
N GLN A 727 8.60 -26.49 -6.14
CA GLN A 727 7.71 -27.59 -6.50
C GLN A 727 7.45 -27.69 -8.00
N TYR A 728 7.48 -28.93 -8.49
CA TYR A 728 7.26 -29.29 -9.89
C TYR A 728 6.15 -30.33 -9.97
N VAL A 729 5.55 -30.38 -11.13
CA VAL A 729 4.68 -31.48 -11.46
C VAL A 729 5.53 -32.76 -11.44
N GLU A 730 5.05 -33.76 -10.72
CA GLU A 730 5.90 -34.93 -10.43
C GLU A 730 6.54 -35.56 -11.68
N GLY A 731 7.86 -35.75 -11.66
CA GLY A 731 8.56 -36.40 -12.76
C GLY A 731 8.80 -35.47 -13.94
N SER A 732 8.70 -34.16 -13.74
CA SER A 732 8.80 -33.25 -14.90
C SER A 732 9.50 -32.01 -14.45
N SER A 733 9.74 -31.15 -15.43
CA SER A 733 10.26 -29.82 -15.27
C SER A 733 9.18 -28.73 -15.35
N ILE A 734 7.94 -29.12 -15.14
CA ILE A 734 6.86 -28.16 -15.20
C ILE A 734 6.80 -27.54 -13.79
N PRO A 735 7.11 -26.24 -13.68
CA PRO A 735 7.13 -25.59 -12.33
C PRO A 735 5.69 -25.27 -11.83
N VAL A 736 5.44 -25.35 -10.52
CA VAL A 736 4.11 -25.14 -10.04
C VAL A 736 3.98 -23.69 -9.56
N PRO A 737 2.99 -22.92 -10.06
CA PRO A 737 2.82 -21.51 -9.65
C PRO A 737 2.39 -21.46 -8.19
N THR A 738 2.80 -20.42 -7.48
CA THR A 738 2.24 -20.15 -6.13
C THR A 738 0.93 -19.35 -6.28
N HIS A 739 0.73 -18.65 -7.41
CA HIS A 739 -0.46 -17.82 -7.56
C HIS A 739 -0.86 -17.76 -9.04
N TYR A 740 -2.13 -17.41 -9.30
CA TYR A 740 -2.62 -17.05 -10.63
C TYR A 740 -3.21 -15.65 -10.57
N TYR A 741 -2.86 -14.82 -11.56
CA TYR A 741 -3.35 -13.43 -11.65
C TYR A 741 -4.28 -13.25 -12.83
N SER A 742 -5.11 -12.23 -12.74
CA SER A 742 -5.83 -11.72 -13.91
C SER A 742 -5.92 -10.21 -13.74
N ILE A 743 -5.71 -9.53 -14.86
CA ILE A 743 -5.99 -8.07 -14.97
C ILE A 743 -7.15 -7.84 -15.90
N ILE A 744 -8.17 -7.15 -15.40
CA ILE A 744 -9.40 -7.02 -16.14
C ILE A 744 -9.66 -5.53 -16.44
N THR A 745 -9.50 -5.15 -17.69
CA THR A 745 -9.56 -3.74 -18.07
C THR A 745 -10.81 -3.50 -18.94
N SER A 746 -11.38 -2.30 -18.80
CA SER A 746 -12.47 -1.87 -19.66
C SER A 746 -12.42 -0.31 -19.77
N CYS A 747 -13.42 0.29 -20.41
CA CYS A 747 -13.48 1.71 -20.56
C CYS A 747 -14.08 2.39 -19.35
N LEU A 748 -13.44 3.45 -18.85
CA LEU A 748 -13.96 4.12 -17.63
C LEU A 748 -15.37 4.67 -17.93
N ASP A 749 -15.54 5.12 -19.16
CA ASP A 749 -16.88 5.52 -19.63
C ASP A 749 -17.50 4.26 -20.25
N PHE A 750 -18.27 3.56 -19.44
CA PHE A 750 -18.83 2.28 -19.83
C PHE A 750 -19.90 2.35 -20.94
N THR A 751 -20.23 3.56 -21.44
CA THR A 751 -21.06 3.66 -22.64
C THR A 751 -20.25 3.28 -23.89
N GLN A 752 -18.92 3.19 -23.77
CA GLN A 752 -18.06 2.73 -24.85
C GLN A 752 -17.58 1.26 -24.59
N PRO A 753 -17.50 0.40 -25.64
CA PRO A 753 -17.15 -0.98 -25.35
C PRO A 753 -15.65 -1.04 -25.10
N ALA A 754 -15.20 -2.06 -24.38
CA ALA A 754 -13.78 -2.18 -23.99
C ALA A 754 -12.84 -2.06 -25.18
N ASP A 755 -13.22 -2.66 -26.32
CA ASP A 755 -12.37 -2.60 -27.54
C ASP A 755 -12.53 -1.34 -28.40
N LYS A 756 -13.32 -0.36 -28.01
CA LYS A 756 -13.34 0.90 -28.79
C LYS A 756 -13.42 2.03 -27.83
N CYS A 757 -12.52 2.04 -26.86
CA CYS A 757 -12.57 3.01 -25.76
C CYS A 757 -11.67 4.16 -26.12
N ASP A 758 -12.19 5.38 -26.09
CA ASP A 758 -11.42 6.54 -26.52
C ASP A 758 -10.68 7.28 -25.40
N GLY A 759 -10.98 7.01 -24.12
CA GLY A 759 -10.36 7.79 -23.07
C GLY A 759 -9.84 6.95 -21.89
N PRO A 760 -9.96 7.46 -20.66
CA PRO A 760 -9.35 6.76 -19.54
C PRO A 760 -9.86 5.31 -19.38
N LEU A 761 -9.05 4.45 -18.74
CA LEU A 761 -9.44 3.06 -18.51
C LEU A 761 -9.93 2.82 -17.12
N SER A 762 -10.48 1.63 -16.89
CA SER A 762 -10.94 1.17 -15.58
C SER A 762 -10.32 -0.24 -15.42
N VAL A 763 -9.74 -0.53 -14.26
CA VAL A 763 -9.13 -1.86 -14.09
C VAL A 763 -9.51 -2.45 -12.74
N SER A 764 -9.65 -3.77 -12.67
CA SER A 764 -9.57 -4.50 -11.37
C SER A 764 -8.69 -5.72 -11.60
N SER A 765 -7.98 -6.18 -10.58
CA SER A 765 -7.01 -7.27 -10.75
C SER A 765 -7.03 -8.13 -9.53
N PHE A 766 -6.56 -9.37 -9.64
CA PHE A 766 -6.43 -10.13 -8.41
C PHE A 766 -5.23 -11.05 -8.56
N ILE A 767 -4.72 -11.58 -7.43
CA ILE A 767 -3.57 -12.55 -7.42
C ILE A 767 -4.07 -13.66 -6.51
N LEU A 768 -4.63 -14.72 -7.07
CA LEU A 768 -5.27 -15.74 -6.23
C LEU A 768 -4.19 -16.74 -5.82
N PRO A 769 -4.20 -17.15 -4.55
CA PRO A 769 -3.20 -18.10 -4.15
C PRO A 769 -3.55 -19.49 -4.68
N HIS A 770 -2.54 -20.18 -5.21
CA HIS A 770 -2.76 -21.45 -5.86
C HIS A 770 -2.61 -22.54 -4.76
N ARG A 771 -3.68 -22.88 -4.06
CA ARG A 771 -3.51 -23.75 -2.87
C ARG A 771 -4.20 -25.10 -3.08
N PRO A 772 -3.67 -26.17 -2.43
CA PRO A 772 -4.20 -27.50 -2.65
C PRO A 772 -5.48 -27.80 -1.88
N ASP A 773 -5.95 -26.85 -1.07
CA ASP A 773 -7.17 -27.01 -0.30
C ASP A 773 -7.83 -25.64 -0.35
N ASN A 774 -9.08 -25.60 0.03
CA ASN A 774 -9.79 -24.37 0.16
C ASN A 774 -10.07 -24.11 1.65
N ASP A 775 -9.08 -24.37 2.49
CA ASP A 775 -9.29 -24.19 3.95
C ASP A 775 -9.52 -22.72 4.31
N GLU A 776 -8.99 -21.82 3.47
CA GLU A 776 -9.21 -20.37 3.69
C GLU A 776 -10.66 -20.00 3.65
N SER A 777 -11.42 -20.69 2.82
CA SER A 777 -12.81 -20.35 2.60
C SER A 777 -13.69 -21.32 3.45
N CYS A 778 -14.17 -20.85 4.60
CA CYS A 778 -14.95 -21.70 5.51
C CYS A 778 -16.23 -22.22 4.92
N ASN A 779 -16.75 -21.57 3.87
CA ASN A 779 -18.00 -22.00 3.20
C ASN A 779 -17.81 -22.82 1.93
N SER A 780 -16.62 -23.37 1.73
CA SER A 780 -16.24 -23.91 0.41
C SER A 780 -16.89 -25.27 0.04
N SER A 781 -17.54 -25.90 0.99
CA SER A 781 -18.20 -27.14 0.67
C SER A 781 -19.54 -26.78 0.00
N GLU A 782 -19.97 -25.53 0.11
CA GLU A 782 -21.10 -25.06 -0.66
C GLU A 782 -20.76 -24.79 -2.15
N ASP A 783 -21.76 -24.42 -2.93
CA ASP A 783 -21.58 -24.11 -4.36
C ASP A 783 -20.69 -22.85 -4.51
N GLU A 784 -19.91 -22.80 -5.58
CA GLU A 784 -18.91 -21.74 -5.82
C GLU A 784 -19.58 -20.37 -5.77
N SER A 785 -20.88 -20.32 -6.06
CA SER A 785 -21.64 -19.05 -6.00
C SER A 785 -21.75 -18.52 -4.56
N LYS A 786 -21.31 -19.28 -3.57
CA LYS A 786 -21.48 -18.72 -2.23
C LYS A 786 -20.19 -18.35 -1.56
N TRP A 787 -19.06 -18.58 -2.22
CA TRP A 787 -17.77 -18.39 -1.61
C TRP A 787 -16.64 -17.95 -2.58
N VAL A 788 -16.73 -18.27 -3.86
CA VAL A 788 -15.53 -17.99 -4.69
C VAL A 788 -15.31 -16.47 -4.82
N GLU A 789 -16.35 -15.72 -5.14
CA GLU A 789 -16.17 -14.29 -5.40
C GLU A 789 -15.65 -13.54 -4.14
N GLU A 790 -16.11 -13.98 -2.96
CA GLU A 790 -15.59 -13.47 -1.69
C GLU A 790 -14.07 -13.73 -1.50
N LEU A 791 -13.61 -14.94 -1.83
CA LEU A 791 -12.16 -15.22 -1.87
C LEU A 791 -11.44 -14.25 -2.85
N MET A 792 -11.95 -14.16 -4.05
CA MET A 792 -11.32 -13.27 -5.03
C MET A 792 -11.22 -11.82 -4.56
N LYS A 793 -12.27 -11.32 -3.91
CA LYS A 793 -12.27 -9.96 -3.37
C LYS A 793 -11.18 -9.74 -2.32
N MET A 794 -10.92 -10.74 -1.47
CA MET A 794 -9.89 -10.67 -0.47
C MET A 794 -8.49 -10.58 -1.10
N HIS A 795 -8.36 -11.14 -2.29
CA HIS A 795 -7.10 -11.20 -3.01
C HIS A 795 -7.02 -10.27 -4.20
N THR A 796 -7.79 -9.19 -4.10
CA THR A 796 -7.70 -8.07 -5.02
C THR A 796 -6.26 -7.52 -5.02
N ALA A 797 -5.80 -7.03 -6.17
CA ALA A 797 -4.43 -6.53 -6.27
C ALA A 797 -4.32 -5.32 -7.21
N ARG A 798 -3.20 -4.60 -7.15
CA ARG A 798 -2.81 -3.57 -8.15
C ARG A 798 -2.09 -4.19 -9.31
N VAL A 799 -2.23 -3.60 -10.48
CA VAL A 799 -1.46 -4.10 -11.62
C VAL A 799 0.03 -4.04 -11.22
N ARG A 800 0.40 -3.01 -10.48
CA ARG A 800 1.81 -2.88 -10.07
C ARG A 800 2.30 -4.09 -9.25
N ASP A 801 1.40 -4.66 -8.43
CA ASP A 801 1.71 -5.84 -7.60
C ASP A 801 2.07 -7.03 -8.53
N ILE A 802 1.35 -7.13 -9.64
CA ILE A 802 1.58 -8.21 -10.62
C ILE A 802 2.84 -7.94 -11.37
N GLU A 803 3.10 -6.66 -11.68
CA GLU A 803 4.36 -6.28 -12.37
C GLU A 803 5.63 -6.80 -11.60
N HIS A 804 5.61 -6.55 -10.30
CA HIS A 804 6.76 -6.90 -9.42
C HIS A 804 6.87 -8.43 -9.44
N LEU A 805 5.73 -9.14 -9.35
CA LEU A 805 5.72 -10.60 -9.25
C LEU A 805 6.02 -11.35 -10.56
N THR A 806 6.01 -10.64 -11.70
CA THR A 806 6.14 -11.29 -13.01
C THR A 806 7.25 -10.74 -13.86
N GLY A 807 7.77 -9.56 -13.53
CA GLY A 807 8.86 -8.92 -14.34
C GLY A 807 8.26 -8.45 -15.67
N LEU A 808 6.92 -8.26 -15.71
CA LEU A 808 6.25 -7.75 -16.96
C LEU A 808 5.86 -6.28 -16.80
N ASP A 809 5.77 -5.56 -17.91
CA ASP A 809 5.29 -4.15 -17.86
C ASP A 809 4.09 -4.05 -18.83
N PHE A 810 2.93 -3.67 -18.30
CA PHE A 810 1.63 -3.71 -18.99
C PHE A 810 1.32 -2.25 -19.47
N TYR A 811 0.26 -2.14 -20.28
CA TYR A 811 -0.23 -0.86 -20.82
C TYR A 811 0.82 -0.02 -21.59
N ARG A 812 1.63 -0.67 -22.39
CA ARG A 812 2.69 0.07 -23.05
C ARG A 812 2.24 0.83 -24.33
N LYS A 813 1.11 0.46 -24.89
CA LYS A 813 0.58 1.19 -26.05
C LYS A 813 -0.85 1.57 -25.84
N THR A 814 -1.08 2.73 -25.26
CA THR A 814 -2.46 3.22 -25.11
C THR A 814 -2.43 4.60 -25.66
N SER A 815 -3.58 5.26 -25.68
CA SER A 815 -3.53 6.67 -26.07
C SER A 815 -3.35 7.57 -24.83
N ARG A 816 -3.18 7.01 -23.63
CA ARG A 816 -3.09 7.82 -22.39
C ARG A 816 -1.67 8.27 -22.01
N SER A 817 -1.57 9.35 -21.25
CA SER A 817 -0.27 9.83 -20.82
C SER A 817 0.34 8.82 -19.79
N TYR A 818 1.65 8.76 -19.74
CA TYR A 818 2.30 7.71 -18.99
C TYR A 818 2.01 7.87 -17.51
N SER A 819 1.95 9.12 -17.05
CA SER A 819 1.53 9.41 -15.69
C SER A 819 0.17 8.90 -15.29
N GLU A 820 -0.79 9.05 -16.17
CA GLU A 820 -2.12 8.52 -15.94
C GLU A 820 -2.08 6.95 -15.91
N ILE A 821 -1.26 6.37 -16.76
CA ILE A 821 -1.13 4.92 -16.79
C ILE A 821 -0.48 4.49 -15.46
N LEU A 822 0.52 5.22 -14.99
CA LEU A 822 1.15 4.85 -13.67
C LEU A 822 0.10 4.87 -12.53
N THR A 823 -0.76 5.89 -12.47
CA THR A 823 -1.86 5.97 -11.53
C THR A 823 -2.81 4.76 -11.72
N LEU A 824 -3.16 4.42 -12.94
CA LEU A 824 -4.04 3.22 -13.16
C LEU A 824 -3.35 1.96 -12.59
N LYS A 825 -2.03 1.83 -12.84
CA LYS A 825 -1.31 0.61 -12.35
C LYS A 825 -1.25 0.53 -10.81
N THR A 826 -1.26 1.67 -10.12
CA THR A 826 -1.34 1.65 -8.64
C THR A 826 -2.78 1.48 -8.05
N TYR A 827 -3.81 1.61 -8.89
CA TYR A 827 -5.22 1.46 -8.44
C TYR A 827 -5.48 0.10 -7.78
N LEU A 828 -6.24 0.15 -6.70
CA LEU A 828 -6.70 -1.12 -6.08
C LEU A 828 -8.21 -1.10 -5.98
N HIS A 829 -8.88 -2.10 -6.52
CA HIS A 829 -10.34 -2.21 -6.36
C HIS A 829 -10.66 -2.83 -4.97
N THR A 830 -11.20 -2.06 -4.03
CA THR A 830 -11.27 -2.58 -2.67
C THR A 830 -12.59 -3.23 -2.25
N TYR A 831 -13.66 -3.04 -3.02
CA TYR A 831 -14.96 -3.67 -2.70
C TYR A 831 -15.61 -3.19 -1.41
N GLU A 832 -15.05 -2.14 -0.80
CA GLU A 832 -15.70 -1.54 0.36
C GLU A 832 -16.85 -0.68 -0.18
N SER A 833 -17.74 -0.21 0.69
CA SER A 833 -18.93 0.56 0.22
C SER A 833 -18.68 2.05 -0.08
C1 NAG B . 10.16 -2.30 -1.91
C2 NAG B . 10.35 -3.54 -2.75
C3 NAG B . 11.66 -4.23 -2.31
C4 NAG B . 12.85 -3.31 -2.22
C5 NAG B . 12.46 -1.97 -1.58
C6 NAG B . 13.65 -1.02 -1.66
C7 NAG B . 8.47 -4.83 -3.61
C8 NAG B . 7.41 -5.89 -3.43
N2 NAG B . 9.25 -4.49 -2.58
O3 NAG B . 11.99 -5.28 -3.16
O4 NAG B . 13.82 -3.93 -1.38
O5 NAG B . 11.27 -1.45 -2.20
O6 NAG B . 13.95 -0.77 -3.02
O7 NAG B . 8.59 -4.30 -4.73
C1 NAG B . 15.12 -4.06 -1.97
C2 NAG B . 16.05 -4.16 -0.77
C3 NAG B . 17.45 -4.46 -1.32
C4 NAG B . 17.48 -5.74 -2.18
C5 NAG B . 16.39 -5.81 -3.27
C6 NAG B . 16.10 -7.29 -3.62
C7 NAG B . 15.37 -2.62 1.10
C8 NAG B . 15.49 -1.23 1.76
N2 NAG B . 16.07 -2.88 -0.01
O3 NAG B . 18.35 -4.50 -0.23
O4 NAG B . 18.74 -5.87 -2.83
O5 NAG B . 15.18 -5.14 -2.91
O6 NAG B . 15.44 -8.01 -2.56
O7 NAG B . 14.61 -3.44 1.62
C1 BMA B . 19.66 -6.75 -2.10
C2 BMA B . 20.52 -7.54 -3.10
C3 BMA B . 21.73 -8.25 -2.46
C4 BMA B . 22.53 -7.16 -1.72
C5 BMA B . 21.65 -6.54 -0.63
C6 BMA B . 22.38 -5.45 0.16
O2 BMA B . 20.90 -6.59 -4.07
O3 BMA B . 22.50 -9.01 -3.42
O4 BMA B . 23.69 -7.62 -1.09
O5 BMA B . 20.44 -6.01 -1.17
O6 BMA B . 21.39 -4.93 1.03
C1 MAN B . 21.87 -4.03 2.07
C2 MAN B . 20.92 -4.06 3.30
C3 MAN B . 19.61 -3.30 2.99
C4 MAN B . 19.97 -1.89 2.52
C5 MAN B . 20.95 -1.88 1.31
C6 MAN B . 21.43 -0.48 0.91
O2 MAN B . 21.53 -3.51 4.45
O3 MAN B . 18.70 -3.18 4.08
O4 MAN B . 18.79 -1.18 2.20
O5 MAN B . 22.08 -2.72 1.56
O6 MAN B . 21.70 0.43 1.98
C1 MAN B . 17.95 -4.38 4.43
C2 MAN B . 16.51 -4.02 4.88
C3 MAN B . 16.56 -3.17 6.17
C4 MAN B . 17.44 -3.79 7.27
C5 MAN B . 18.70 -4.50 6.73
C6 MAN B . 19.20 -5.52 7.76
O2 MAN B . 15.76 -5.20 5.15
O3 MAN B . 15.27 -3.00 6.73
O4 MAN B . 17.70 -2.76 8.21
O5 MAN B . 18.50 -5.18 5.48
O6 MAN B . 20.46 -5.98 7.30
C1 MAN B . 14.91 -5.65 4.05
C2 MAN B . 14.00 -6.74 4.65
C3 MAN B . 14.77 -8.06 4.83
C4 MAN B . 15.54 -8.47 3.54
C5 MAN B . 16.41 -7.32 3.01
C6 MAN B . 17.13 -7.71 1.70
O2 MAN B . 12.84 -7.04 3.86
O3 MAN B . 13.78 -8.99 5.16
O4 MAN B . 16.32 -9.63 3.76
O5 MAN B . 15.63 -6.10 2.86
O6 MAN B . 18.31 -6.93 1.55
C1 MAN B . 22.28 1.67 1.51
C2 MAN B . 22.66 2.68 2.60
C3 MAN B . 23.61 3.74 1.97
C4 MAN B . 23.56 3.75 0.43
C5 MAN B . 22.15 3.40 -0.15
C6 MAN B . 22.09 2.98 -1.65
O2 MAN B . 23.19 2.08 3.76
O3 MAN B . 24.93 3.55 2.40
O4 MAN B . 24.04 5.01 -0.02
O5 MAN B . 21.46 2.41 0.61
O6 MAN B . 20.75 2.68 -2.06
C1 MAN B . 22.42 -10.51 -3.36
C2 MAN B . 23.81 -11.20 -3.41
C3 MAN B . 24.52 -10.90 -4.75
C4 MAN B . 23.65 -11.21 -5.97
C5 MAN B . 22.13 -10.95 -5.73
C6 MAN B . 21.29 -11.79 -6.69
O2 MAN B . 23.73 -12.62 -3.24
O3 MAN B . 25.72 -11.64 -4.88
O4 MAN B . 24.17 -10.42 -7.04
O5 MAN B . 21.64 -11.14 -4.38
O6 MAN B . 21.24 -11.12 -7.93
C1 MAN B . 24.48 -13.06 -2.07
C2 MAN B . 25.06 -14.49 -2.25
C3 MAN B . 23.95 -15.57 -2.08
C4 MAN B . 23.19 -15.36 -0.75
C5 MAN B . 22.70 -13.91 -0.64
C6 MAN B . 21.96 -13.61 0.67
O2 MAN B . 26.14 -14.64 -1.32
O3 MAN B . 24.36 -16.93 -2.26
O4 MAN B . 22.08 -16.21 -0.72
O5 MAN B . 23.78 -12.97 -0.83
O6 MAN B . 21.01 -12.60 0.41
C01 XSK C . 6.41 10.16 18.83
C04 XSK C . 5.89 8.76 18.86
C05 XSK C . 4.81 8.86 17.94
C06 XSK C . 4.04 7.56 18.07
C11 XSK C . 3.50 6.27 20.32
C15 XSK C . 1.24 3.25 19.64
C16 XSK C . 1.23 6.03 19.51
C17 XSK C . 0.06 5.29 19.14
C18 XSK C . 0.07 3.92 19.20
C22 XSK C . 6.57 11.76 16.81
C23 XSK C . 6.30 12.04 15.30
C26 XSK C . 6.85 11.07 13.21
C27 XSK C . 7.65 10.16 12.53
C28 XSK C . 7.58 10.15 11.15
N02 XSK C . 6.23 10.49 17.42
C03 XSK C . 5.56 9.35 16.75
N07 XSK C . 4.20 7.25 19.52
C08 XSK C . 5.24 8.15 20.11
C12 XSK C . 2.36 5.39 19.90
O13 XSK C . 3.82 6.23 21.52
C14 XSK C . 2.38 3.99 20.00
N19 XSK C . -1.17 3.47 18.79
N20 XSK C . -1.93 4.57 18.49
N21 XSK C . -1.17 5.68 18.68
O24 XSK C . 7.08 12.63 17.46
O25 XSK C . 6.97 11.05 14.57
C29 XSK C . 6.73 11.02 10.46
C30 XSK C . 5.90 11.94 11.15
C31 XSK C . 5.96 11.96 12.55
O32 XSK C . 6.73 10.90 9.07
C33 XSK C . 6.21 11.89 8.31
F34 XSK C . 6.43 11.57 7.04
F35 XSK C . 6.78 13.06 8.57
F36 XSK C . 4.94 12.02 8.65
C01 ZIB D . 6.31 9.84 18.86
C04 ZIB D . 5.13 8.98 19.11
C05 ZIB D . 4.96 8.29 17.86
C06 ZIB D . 3.60 7.67 18.16
C11 ZIB D . 3.14 6.12 20.26
C15 ZIB D . -0.49 5.93 19.20
C16 ZIB D . 1.47 4.19 20.13
C17 ZIB D . 0.13 3.70 19.84
C18 ZIB D . -0.83 4.56 19.38
C22 ZIB D . 6.57 11.52 16.89
C23 ZIB D . 6.19 11.90 15.43
C26 ZIB D . 6.86 11.11 13.25
C27 ZIB D . 7.64 10.18 12.57
C28 ZIB D . 7.57 10.15 11.19
N02 ZIB D . 6.06 10.30 17.49
C03 ZIB D . 5.13 9.36 16.84
N07 ZIB D . 3.89 7.09 19.48
C08 ZIB D . 5.17 7.70 19.96
C12 ZIB D . 1.81 5.52 19.93
O13 ZIB D . 3.66 5.84 21.35
C14 ZIB D . 0.80 6.38 19.49
N19 ZIB D . -2.01 3.85 19.18
N20 ZIB D . -1.76 2.55 19.52
N21 ZIB D . -0.47 2.45 19.92
O24 ZIB D . 7.30 12.23 17.52
O25 ZIB D . 6.97 11.08 14.60
C29 ZIB D . 6.75 11.03 10.49
C30 ZIB D . 5.94 11.97 11.18
C31 ZIB D . 6.00 12.01 12.57
O32 ZIB D . 6.75 10.91 9.10
C33 ZIB D . 6.22 11.89 8.34
F34 ZIB D . 6.44 11.57 7.07
F35 ZIB D . 6.78 13.06 8.61
F36 ZIB D . 4.95 12.00 8.67
ZN ZN E . -3.68 4.47 18.31
K K F . -3.09 -35.62 -11.66
CA CA G . 10.23 -14.23 -5.28
NA NA H . -13.12 -24.59 3.25
CL CL I . 2.13 -5.10 16.48
#